data_7LYC
#
_entry.id   7LYC
#
_cell.length_a   1.00
_cell.length_b   1.00
_cell.length_c   1.00
_cell.angle_alpha   90.00
_cell.angle_beta   90.00
_cell.angle_gamma   90.00
#
_symmetry.space_group_name_H-M   'P 1'
#
loop_
_entity.id
_entity.type
_entity.pdbx_description
1 polymer 'Histone H3.1'
2 polymer 'Histone H4'
3 polymer 'Histone H2B type 1-J'
4 polymer 'DNA (147-MER)'
5 polymer 'DNA (146-MER)'
6 polymer Ubiquitin
7 polymer 'BRCA1-associated RING domain protein 1'
8 polymer 'Histone H2A type 1-B/E'
#
loop_
_entity_poly.entity_id
_entity_poly.type
_entity_poly.pdbx_seq_one_letter_code
_entity_poly.pdbx_strand_id
1 'polypeptide(L)'
;GPGHMARTKQTARKSTGGKAPRKQLATKAARKSAPATGGVKKPHRYRPGTVALREIRRYQKSTELLIRKLPFQRLVREIA
QDFKTDLRFQSSAVMALQEACEAYLVGLFEDTNLCAIHAKRVTIMPKDIQLARRIRGERA
;
A,E
2 'polypeptide(L)'
;GPGHMSGRGKGGKGLGKGGAKRHRKVLRDNIQGITKPAIRRLARRGGVKRISGLIYEETRGVLKVFLENVIRDAVTYTEH
AKRKTVTAMDVVYALKRQGRTLYGFGG
;
B,F
3 'polypeptide(L)'
;GHMPEPAKSAPAPKKGSKKAVTKAQKKDGKKRKRSRKESYSIYVYKVLKQVHPDTGISSKAMGIMNSFVNDIFERIAGEA
SRLAHYNKRSTITSREIQTAVRLLLPGELAKHAVSEGTKAVTKYTS
;
D,H
4 'polydeoxyribonucleotide'
;(DA)(DT)(DC)(DG)(DA)(DG)(DA)(DA)(DT)(DC)(DC)(DC)(DG)(DG)(DT)(DG)(DC)(DC)(DG)(DA)
(DG)(DG)(DC)(DC)(DG)(DC)(DT)(DC)(DA)(DA)(DT)(DT)(DG)(DG)(DT)(DC)(DG)(DT)(DA)(DG)
(DA)(DC)(DA)(DG)(DC)(DT)(DC)(DT)(DA)(DG)(DC)(DA)(DC)(DC)(DG)(DC)(DT)(DT)(DA)(DA)
(DA)(DC)(DG)(DC)(DA)(DC)(DG)(DT)(DA)(DC)(DG)(DC)(DG)(DC)(DT)(DG)(DT)(DC)(DC)(DC)
(DC)(DC)(DG)(DC)(DG)(DT)(DT)(DT)(DT)(DA)(DA)(DC)(DC)(DG)(DC)(DC)(DA)(DA)(DG)(DG)
(DG)(DG)(DA)(DT)(DT)(DA)(DC)(DT)(DC)(DC)(DC)(DT)(DA)(DG)(DT)(DC)(DT)(DC)(DC)(DA)
(DG)(DG)(DC)(DA)(DC)(DG)(DT)(DG)(DT)(DC)(DA)(DG)(DA)(DT)(DA)(DT)(DA)(DT)(DA)(DC)
(DA)(DT)(DC)(DC)(DG)(DA)(DT)
;
I
5 'polydeoxyribonucleotide'
;(DA)(DT)(DC)(DG)(DG)(DA)(DT)(DG)(DT)(DA)(DT)(DA)(DT)(DA)(DT)(DC)(DT)(DG)(DA)(DC)
(DA)(DC)(DG)(DT)(DG)(DC)(DC)(DT)(DG)(DG)(DA)(DG)(DA)(DC)(DT)(DA)(DG)(DG)(DG)(DA)
(DG)(DT)(DA)(DA)(DT)(DC)(DC)(DC)(DC)(DT)(DT)(DG)(DG)(DC)(DG)(DG)(DT)(DT)(DA)(DA)
(DA)(DA)(DC)(DG)(DC)(DG)(DG)(DG)(DG)(DG)(DA)(DC)(DA)(DG)(DC)(DG)(DC)(DG)(DT)(DA)
(DC)(DG)(DT)(DG)(DC)(DG)(DT)(DT)(DT)(DA)(DA)(DG)(DC)(DG)(DG)(DT)(DG)(DC)(DT)(DA)
(DG)(DA)(DG)(DC)(DT)(DG)(DT)(DC)(DT)(DA)(DC)(DG)(DA)(DC)(DC)(DA)(DA)(DT)(DT)(DG)
(DA)(DG)(DC)(DG)(DG)(DC)(DC)(DT)(DC)(DG)(DG)(DC)(DA)(DC)(DC)(DG)(DG)(DG)(DA)(DT)
(DT)(DC)(DT)(DC)(DG)(DA)(DT)
;
J
6 'polypeptide(L)'
;MHHHHHHMMQIFVKTLTGKTITLEVEPSDTIENVKAKIQDKEGIPPDQQRLIFAGKQLEDGRTLSDYNIQKESTLHLVLR
LRGG
;
K
7 'polypeptide(L)'
;GSGGSGGSGSKLLPNMAVKRNHRGETLLHIASIKGDIPSVEYLLQNGSDPNVKDHAGWTPLHEACNHGHLKVVELLLQHK
ALVNTTGYQNDSPLHDAAKNGHVDIVKLLLSYGASRNAVNIFGLRPVDYTDDESMKSLLLLPEKNESSSASHCSVMNTGQ
RRDGPLVLIGSGLSSEQQKMLSELAVILKAKKYTEFDSTVTHVVVPGDAVQSTLKCMLGILNGCWILKFEWVKACLRRKV
CEQEEKYEIPEGPRRSRLNREQLLPKLFDGCYFYLWGTFKHHPKDNLIKLVTAGGGQILSRKPKPDSDVTQTINTVAYHA
RPDSDQRFCTQYIIYEDLCNYHPERVRQGKVWKAPSSWFIDCVMSFELLPLDS
;
N
8 'polypeptide(L)'
;SAKAKTRSSRAGLQFPVGRVHRLLRKGNYSERVGAGAPVYLAAVLEYLTAEILELAGNAARDNKKTRIIPRHLQLAIRND
EELNKLLGRVTIAQGGVLPNIQAVLLPKKTESHHKAKGK
;
C,G
#
loop_
_chem_comp.id
_chem_comp.type
_chem_comp.name
_chem_comp.formula
DA DNA linking 2'-DEOXYADENOSINE-5'-MONOPHOSPHATE 'C10 H14 N5 O6 P'
DC DNA linking 2'-DEOXYCYTIDINE-5'-MONOPHOSPHATE 'C9 H14 N3 O7 P'
DG DNA linking 2'-DEOXYGUANOSINE-5'-MONOPHOSPHATE 'C10 H14 N5 O7 P'
DT DNA linking THYMIDINE-5'-MONOPHOSPHATE 'C10 H15 N2 O8 P'
#
# COMPACT_ATOMS: atom_id res chain seq x y z
N LYS A 42 -49.13 20.89 -19.80
CA LYS A 42 -48.34 20.19 -18.79
C LYS A 42 -47.73 18.94 -19.39
N PRO A 43 -46.40 18.92 -19.55
CA PRO A 43 -45.74 17.81 -20.21
C PRO A 43 -45.77 16.54 -19.37
N HIS A 44 -45.58 15.42 -20.05
CA HIS A 44 -45.50 14.13 -19.38
C HIS A 44 -44.24 14.05 -18.52
N ARG A 45 -44.36 13.41 -17.36
CA ARG A 45 -43.25 13.28 -16.44
C ARG A 45 -43.29 11.91 -15.76
N TYR A 46 -42.12 11.32 -15.57
CA TYR A 46 -42.00 10.05 -14.88
C TYR A 46 -41.75 10.28 -13.40
N ARG A 47 -42.27 9.38 -12.57
CA ARG A 47 -42.05 9.49 -11.13
C ARG A 47 -40.60 9.20 -10.79
N PRO A 48 -40.07 9.85 -9.74
CA PRO A 48 -38.67 9.60 -9.36
C PRO A 48 -38.44 8.17 -8.93
N GLY A 49 -37.66 7.43 -9.71
CA GLY A 49 -37.33 6.06 -9.38
C GLY A 49 -37.51 5.11 -10.54
N THR A 50 -38.41 5.43 -11.48
CA THR A 50 -38.63 4.55 -12.61
C THR A 50 -37.52 4.65 -13.65
N VAL A 51 -37.04 5.86 -13.92
CA VAL A 51 -35.91 6.02 -14.84
C VAL A 51 -34.65 5.45 -14.23
N ALA A 52 -34.52 5.50 -12.91
CA ALA A 52 -33.40 4.86 -12.24
C ALA A 52 -33.41 3.36 -12.47
N LEU A 53 -34.59 2.73 -12.38
CA LEU A 53 -34.68 1.31 -12.65
C LEU A 53 -34.43 1.06 -14.12
N ARG A 54 -34.92 1.96 -14.98
CA ARG A 54 -34.65 1.82 -16.41
C ARG A 54 -33.15 1.78 -16.67
N GLU A 55 -32.42 2.72 -16.09
CA GLU A 55 -30.96 2.74 -16.22
C GLU A 55 -30.26 1.54 -15.60
N ILE A 56 -30.74 1.07 -14.45
CA ILE A 56 -30.17 -0.13 -13.84
C ILE A 56 -30.24 -1.30 -14.81
N ARG A 57 -31.41 -1.50 -15.42
CA ARG A 57 -31.57 -2.61 -16.35
C ARG A 57 -30.71 -2.43 -17.59
N ARG A 58 -30.64 -1.22 -18.16
CA ARG A 58 -29.90 -1.08 -19.40
C ARG A 58 -28.40 -1.12 -19.18
N TYR A 59 -27.92 -0.77 -17.98
CA TYR A 59 -26.50 -0.86 -17.71
C TYR A 59 -26.08 -2.21 -17.17
N GLN A 60 -27.02 -3.03 -16.70
CA GLN A 60 -26.69 -4.41 -16.41
C GLN A 60 -26.83 -5.33 -17.62
N LYS A 61 -27.60 -4.93 -18.64
CA LYS A 61 -27.62 -5.68 -19.89
C LYS A 61 -26.34 -5.49 -20.69
N SER A 62 -25.76 -4.30 -20.67
CA SER A 62 -24.65 -3.96 -21.53
C SER A 62 -23.32 -4.33 -20.88
N THR A 63 -22.24 -4.17 -21.66
CA THR A 63 -20.91 -4.55 -21.19
C THR A 63 -19.83 -3.55 -21.56
N GLU A 64 -20.17 -2.35 -22.04
CA GLU A 64 -19.14 -1.40 -22.42
C GLU A 64 -18.57 -0.72 -21.19
N LEU A 65 -17.55 0.10 -21.42
CA LEU A 65 -16.96 0.91 -20.37
C LEU A 65 -17.79 2.17 -20.13
N LEU A 66 -17.99 2.48 -18.85
CA LEU A 66 -18.88 3.56 -18.46
C LEU A 66 -18.16 4.87 -18.16
N ILE A 67 -16.84 4.85 -18.04
CA ILE A 67 -16.04 6.04 -17.86
C ILE A 67 -15.50 6.46 -19.22
N ARG A 68 -15.42 7.77 -19.45
CA ARG A 68 -14.81 8.27 -20.67
C ARG A 68 -13.32 7.94 -20.68
N LYS A 69 -12.80 7.67 -21.88
CA LYS A 69 -11.48 7.08 -22.01
C LYS A 69 -10.34 8.10 -21.91
N LEU A 70 -10.49 9.26 -22.54
CA LEU A 70 -9.45 10.28 -22.44
C LEU A 70 -9.26 10.78 -21.01
N PRO A 71 -10.31 11.15 -20.27
CA PRO A 71 -10.08 11.56 -18.87
C PRO A 71 -9.43 10.48 -18.02
N PHE A 72 -9.82 9.21 -18.21
CA PHE A 72 -9.21 8.14 -17.43
C PHE A 72 -7.74 7.97 -17.80
N GLN A 73 -7.42 8.09 -19.08
CA GLN A 73 -6.02 8.00 -19.51
C GLN A 73 -5.20 9.12 -18.88
N ARG A 74 -5.74 10.33 -18.84
CA ARG A 74 -5.04 11.43 -18.20
C ARG A 74 -4.83 11.19 -16.72
N LEU A 75 -5.84 10.64 -16.04
CA LEU A 75 -5.70 10.32 -14.62
C LEU A 75 -4.61 9.27 -14.39
N VAL A 76 -4.59 8.24 -15.24
CA VAL A 76 -3.57 7.20 -15.14
C VAL A 76 -2.18 7.82 -15.30
N ARG A 77 -2.01 8.69 -16.29
CA ARG A 77 -0.72 9.30 -16.52
C ARG A 77 -0.30 10.22 -15.38
N GLU A 78 -1.26 10.91 -14.75
CA GLU A 78 -0.94 11.76 -13.61
C GLU A 78 -0.43 10.94 -12.42
N ILE A 79 -1.14 9.86 -12.09
CA ILE A 79 -0.67 9.00 -11.01
C ILE A 79 0.72 8.42 -11.34
N ALA A 80 0.88 7.96 -12.58
CA ALA A 80 2.15 7.37 -12.98
C ALA A 80 3.29 8.38 -12.87
N GLN A 81 3.02 9.62 -13.22
CA GLN A 81 4.07 10.64 -13.13
C GLN A 81 4.41 10.90 -11.69
N ASP A 82 3.46 10.76 -10.81
CA ASP A 82 3.77 10.82 -9.39
C ASP A 82 4.67 9.66 -8.98
N PHE A 83 4.61 8.53 -9.68
CA PHE A 83 5.52 7.43 -9.36
C PHE A 83 6.86 7.50 -10.10
N LYS A 84 6.83 7.49 -11.43
CA LYS A 84 8.04 7.60 -12.23
C LYS A 84 7.90 8.60 -13.37
N THR A 85 8.99 9.30 -13.66
CA THR A 85 8.94 10.37 -14.64
C THR A 85 9.17 9.90 -16.07
N ASP A 86 8.50 10.57 -17.01
CA ASP A 86 8.62 10.31 -18.45
C ASP A 86 8.30 8.85 -18.79
N LEU A 87 7.13 8.39 -18.34
CA LEU A 87 6.66 7.05 -18.61
C LEU A 87 5.81 7.03 -19.88
N ARG A 88 5.85 5.91 -20.58
CA ARG A 88 4.98 5.65 -21.71
C ARG A 88 4.07 4.48 -21.37
N PHE A 89 2.89 4.47 -21.97
CA PHE A 89 1.88 3.45 -21.71
C PHE A 89 1.45 2.82 -23.02
N GLN A 90 1.42 1.49 -23.04
CA GLN A 90 0.70 0.81 -24.11
C GLN A 90 -0.78 1.12 -23.98
N SER A 91 -1.47 1.21 -25.11
CA SER A 91 -2.91 1.42 -25.06
C SER A 91 -3.61 0.27 -24.36
N SER A 92 -3.08 -0.94 -24.51
CA SER A 92 -3.63 -2.09 -23.81
C SER A 92 -3.46 -1.96 -22.30
N ALA A 93 -2.39 -1.31 -21.85
CA ALA A 93 -2.19 -1.11 -20.42
C ALA A 93 -3.27 -0.22 -19.84
N VAL A 94 -3.57 0.88 -20.51
CA VAL A 94 -4.63 1.77 -20.05
C VAL A 94 -5.99 1.09 -20.13
N MET A 95 -6.24 0.31 -21.19
CA MET A 95 -7.51 -0.40 -21.26
C MET A 95 -7.65 -1.44 -20.16
N ALA A 96 -6.57 -2.14 -19.81
CA ALA A 96 -6.62 -3.09 -18.71
C ALA A 96 -6.87 -2.38 -17.39
N LEU A 97 -6.24 -1.23 -17.20
CA LEU A 97 -6.47 -0.47 -15.98
C LEU A 97 -7.92 -0.02 -15.88
N GLN A 98 -8.52 0.39 -16.99
CA GLN A 98 -9.92 0.81 -16.96
C GLN A 98 -10.85 -0.37 -16.70
N GLU A 99 -10.60 -1.51 -17.33
CA GLU A 99 -11.37 -2.72 -17.02
C GLU A 99 -11.34 -3.02 -15.53
N ALA A 100 -10.14 -3.07 -14.95
CA ALA A 100 -10.00 -3.38 -13.53
C ALA A 100 -10.69 -2.35 -12.66
N CYS A 101 -10.51 -1.07 -12.96
CA CYS A 101 -11.09 -0.02 -12.13
C CYS A 101 -12.61 -0.06 -12.15
N GLU A 102 -13.21 -0.25 -13.33
CA GLU A 102 -14.65 -0.26 -13.42
C GLU A 102 -15.23 -1.52 -12.77
N ALA A 103 -14.56 -2.67 -12.92
CA ALA A 103 -15.01 -3.86 -12.22
C ALA A 103 -14.97 -3.66 -10.72
N TYR A 104 -13.89 -3.06 -10.22
CA TYR A 104 -13.77 -2.80 -8.79
C TYR A 104 -14.87 -1.87 -8.29
N LEU A 105 -15.15 -0.81 -9.04
CA LEU A 105 -16.16 0.14 -8.60
C LEU A 105 -17.55 -0.46 -8.64
N VAL A 106 -17.85 -1.28 -9.65
CA VAL A 106 -19.15 -1.92 -9.70
C VAL A 106 -19.35 -2.89 -8.54
N GLY A 107 -18.33 -3.70 -8.23
CA GLY A 107 -18.42 -4.57 -7.08
C GLY A 107 -18.58 -3.82 -5.78
N LEU A 108 -17.82 -2.74 -5.62
CA LEU A 108 -17.92 -1.94 -4.40
C LEU A 108 -19.30 -1.31 -4.28
N PHE A 109 -19.92 -0.93 -5.40
CA PHE A 109 -21.25 -0.36 -5.33
C PHE A 109 -22.29 -1.42 -5.01
N GLU A 110 -22.07 -2.66 -5.44
CA GLU A 110 -22.98 -3.73 -5.01
C GLU A 110 -22.93 -3.92 -3.50
N ASP A 111 -21.71 -3.98 -2.93
CA ASP A 111 -21.60 -4.09 -1.47
C ASP A 111 -22.18 -2.86 -0.77
N THR A 112 -21.96 -1.67 -1.32
CA THR A 112 -22.51 -0.44 -0.76
C THR A 112 -24.03 -0.45 -0.75
N ASN A 113 -24.64 -0.94 -1.83
CA ASN A 113 -26.10 -1.07 -1.86
C ASN A 113 -26.59 -2.03 -0.81
N LEU A 114 -25.88 -3.14 -0.61
CA LEU A 114 -26.27 -4.07 0.45
C LEU A 114 -26.20 -3.39 1.82
N CYS A 115 -25.14 -2.61 2.06
CA CYS A 115 -25.01 -1.91 3.34
C CYS A 115 -26.10 -0.87 3.51
N ALA A 116 -26.52 -0.22 2.43
CA ALA A 116 -27.59 0.77 2.53
C ALA A 116 -28.93 0.10 2.82
N ILE A 117 -29.20 -1.03 2.18
CA ILE A 117 -30.44 -1.75 2.42
C ILE A 117 -30.47 -2.30 3.85
N HIS A 118 -29.32 -2.70 4.38
CA HIS A 118 -29.25 -3.13 5.77
C HIS A 118 -29.72 -2.03 6.71
N ALA A 119 -29.31 -0.80 6.48
CA ALA A 119 -29.62 0.32 7.35
C ALA A 119 -31.05 0.76 7.06
N LYS A 120 -31.81 -0.03 6.30
CA LYS A 120 -33.22 0.24 6.02
C LYS A 120 -33.40 1.54 5.21
N ARG A 121 -32.58 1.68 4.17
CA ARG A 121 -32.53 2.90 3.38
C ARG A 121 -32.56 2.42 1.94
N VAL A 122 -32.71 3.39 1.03
CA VAL A 122 -32.66 3.14 -0.40
C VAL A 122 -31.47 3.89 -0.97
N THR A 123 -31.13 5.02 -0.34
CA THR A 123 -30.05 5.87 -0.78
C THR A 123 -28.72 5.35 -0.24
N ILE A 124 -27.71 5.30 -1.10
CA ILE A 124 -26.37 4.94 -0.67
C ILE A 124 -25.66 6.19 -0.23
N MET A 125 -24.93 6.09 0.87
CA MET A 125 -24.29 7.21 1.53
C MET A 125 -22.81 6.90 1.73
N PRO A 126 -21.97 7.90 1.96
CA PRO A 126 -20.55 7.62 2.14
C PRO A 126 -20.26 6.63 3.25
N LYS A 127 -21.06 6.62 4.32
CA LYS A 127 -20.84 5.66 5.39
C LYS A 127 -21.10 4.23 4.94
N ASP A 128 -21.97 4.03 3.94
CA ASP A 128 -22.14 2.69 3.39
C ASP A 128 -20.89 2.24 2.65
N ILE A 129 -20.27 3.15 1.87
CA ILE A 129 -19.01 2.83 1.21
C ILE A 129 -17.94 2.50 2.23
N GLN A 130 -17.88 3.29 3.30
CA GLN A 130 -16.86 3.08 4.32
C GLN A 130 -17.07 1.77 5.05
N LEU A 131 -18.32 1.41 5.37
CA LEU A 131 -18.57 0.11 6.01
C LEU A 131 -18.21 -1.04 5.08
N ALA A 132 -18.58 -0.94 3.80
CA ALA A 132 -18.22 -1.99 2.86
C ALA A 132 -16.71 -2.17 2.79
N ARG A 133 -15.97 -1.07 2.61
CA ARG A 133 -14.52 -1.15 2.52
C ARG A 133 -13.90 -1.66 3.82
N ARG A 134 -14.46 -1.27 4.96
CA ARG A 134 -13.97 -1.74 6.24
C ARG A 134 -14.12 -3.25 6.38
N ILE A 135 -15.28 -3.78 5.97
CA ILE A 135 -15.49 -5.22 6.10
C ILE A 135 -14.67 -6.00 5.08
N ARG A 136 -14.47 -5.46 3.87
CA ARG A 136 -13.65 -6.16 2.89
C ARG A 136 -12.17 -6.13 3.26
N GLY A 137 -11.78 -5.42 4.29
CA GLY A 137 -10.38 -5.37 4.69
C GLY A 137 -9.56 -4.35 3.94
N GLU A 138 -10.19 -3.31 3.42
CA GLU A 138 -9.51 -2.29 2.64
C GLU A 138 -9.29 -1.00 3.42
N ARG A 139 -10.02 -0.81 4.52
CA ARG A 139 -10.06 0.45 5.25
C ARG A 139 -9.47 0.35 6.65
N ALA A 140 -9.86 -0.67 7.41
CA ALA A 140 -9.36 -0.89 8.77
C ALA A 140 -9.57 0.33 9.68
N ALA B 20 18.61 17.79 -15.51
CA ALA B 20 17.74 18.06 -16.65
C ALA B 20 17.60 19.56 -16.89
N LYS B 21 18.04 20.00 -18.07
CA LYS B 21 18.04 21.44 -18.37
C LYS B 21 16.64 21.93 -18.67
N ARG B 22 15.84 21.17 -19.40
CA ARG B 22 14.51 21.60 -19.78
C ARG B 22 13.56 21.48 -18.59
N HIS B 23 12.43 22.18 -18.71
CA HIS B 23 11.44 22.22 -17.65
C HIS B 23 10.68 20.89 -17.56
N ARG B 24 10.05 20.69 -16.41
CA ARG B 24 9.22 19.51 -16.18
C ARG B 24 7.78 19.98 -16.10
N LYS B 25 6.91 19.34 -16.89
CA LYS B 25 5.49 19.68 -16.95
C LYS B 25 4.69 18.50 -16.43
N VAL B 26 3.71 18.79 -15.57
CA VAL B 26 2.93 17.76 -14.90
C VAL B 26 1.45 18.00 -15.13
N LEU B 27 0.66 16.95 -14.95
CA LEU B 27 -0.79 17.00 -14.99
C LEU B 27 -1.31 17.09 -13.55
N ARG B 28 -2.50 17.68 -13.40
CA ARG B 28 -3.06 17.84 -12.07
C ARG B 28 -4.58 17.96 -12.18
N ASP B 29 -5.27 17.43 -11.17
CA ASP B 29 -6.72 17.56 -11.02
C ASP B 29 -7.47 16.85 -12.14
N ASN B 30 -7.04 15.64 -12.48
CA ASN B 30 -7.74 14.85 -13.48
C ASN B 30 -8.75 13.89 -12.88
N ILE B 31 -8.79 13.77 -11.55
CA ILE B 31 -9.80 12.94 -10.91
C ILE B 31 -11.18 13.52 -11.15
N GLN B 32 -11.27 14.84 -11.39
CA GLN B 32 -12.54 15.45 -11.74
C GLN B 32 -13.00 15.10 -13.15
N GLY B 33 -12.17 14.43 -13.93
CA GLY B 33 -12.61 13.87 -15.19
C GLY B 33 -13.43 12.62 -15.06
N ILE B 34 -13.51 12.07 -13.85
CA ILE B 34 -14.46 11.01 -13.52
C ILE B 34 -15.72 11.73 -13.07
N THR B 35 -16.58 12.05 -14.03
CA THR B 35 -17.67 12.97 -13.78
C THR B 35 -18.76 12.30 -12.96
N LYS B 36 -19.69 13.12 -12.49
CA LYS B 36 -20.83 12.60 -11.76
C LYS B 36 -21.71 11.66 -12.59
N PRO B 37 -22.03 11.95 -13.86
CA PRO B 37 -22.75 10.94 -14.66
C PRO B 37 -22.05 9.61 -14.77
N ALA B 38 -20.72 9.60 -14.87
CA ALA B 38 -19.99 8.34 -14.98
C ALA B 38 -20.10 7.52 -13.71
N ILE B 39 -19.98 8.18 -12.56
CA ILE B 39 -20.16 7.49 -11.28
C ILE B 39 -21.59 6.99 -11.15
N ARG B 40 -22.55 7.76 -11.65
CA ARG B 40 -23.95 7.30 -11.62
C ARG B 40 -24.14 6.06 -12.49
N ARG B 41 -23.51 6.02 -13.66
CA ARG B 41 -23.61 4.83 -14.50
C ARG B 41 -22.97 3.62 -13.82
N LEU B 42 -21.81 3.82 -13.19
CA LEU B 42 -21.16 2.73 -12.48
C LEU B 42 -22.01 2.24 -11.32
N ALA B 43 -22.75 3.15 -10.67
CA ALA B 43 -23.66 2.74 -9.61
C ALA B 43 -24.87 2.00 -10.15
N ARG B 44 -25.40 2.44 -11.30
CA ARG B 44 -26.53 1.75 -11.89
C ARG B 44 -26.17 0.32 -12.30
N ARG B 45 -24.97 0.12 -12.85
CA ARG B 45 -24.54 -1.26 -13.10
C ARG B 45 -24.38 -2.03 -11.81
N GLY B 46 -24.08 -1.36 -10.70
CA GLY B 46 -24.04 -2.01 -9.41
C GLY B 46 -25.37 -2.20 -8.75
N GLY B 47 -26.46 -1.80 -9.40
CA GLY B 47 -27.79 -2.00 -8.87
C GLY B 47 -28.29 -0.91 -7.95
N VAL B 48 -27.60 0.22 -7.88
CA VAL B 48 -27.97 1.28 -6.95
C VAL B 48 -29.08 2.12 -7.56
N LYS B 49 -30.18 2.28 -6.82
CA LYS B 49 -31.33 3.01 -7.31
C LYS B 49 -31.25 4.50 -7.04
N ARG B 50 -30.74 4.90 -5.88
CA ARG B 50 -30.73 6.29 -5.47
C ARG B 50 -29.39 6.60 -4.81
N ILE B 51 -28.83 7.77 -5.12
CA ILE B 51 -27.45 8.09 -4.79
C ILE B 51 -27.40 9.42 -4.06
N SER B 52 -26.70 9.45 -2.93
CA SER B 52 -26.52 10.69 -2.19
C SER B 52 -25.51 11.58 -2.89
N GLY B 53 -25.60 12.88 -2.61
CA GLY B 53 -24.77 13.85 -3.29
C GLY B 53 -23.32 13.84 -2.88
N LEU B 54 -23.00 13.22 -1.75
CA LEU B 54 -21.63 13.15 -1.26
C LEU B 54 -20.91 11.88 -1.70
N ILE B 55 -21.60 11.01 -2.42
CA ILE B 55 -20.97 9.80 -2.93
C ILE B 55 -19.85 10.12 -3.90
N TYR B 56 -20.10 11.07 -4.81
CA TYR B 56 -19.20 11.26 -5.94
C TYR B 56 -17.79 11.56 -5.49
N GLU B 57 -17.61 12.57 -4.65
CA GLU B 57 -16.29 12.86 -4.11
C GLU B 57 -15.73 11.65 -3.40
N GLU B 58 -16.53 11.03 -2.53
CA GLU B 58 -16.10 9.81 -1.86
C GLU B 58 -15.58 8.80 -2.87
N THR B 59 -16.38 8.55 -3.91
CA THR B 59 -16.01 7.56 -4.91
C THR B 59 -14.66 7.89 -5.51
N ARG B 60 -14.46 9.16 -5.86
CA ARG B 60 -13.22 9.55 -6.50
C ARG B 60 -12.04 9.19 -5.61
N GLY B 61 -12.13 9.50 -4.32
CA GLY B 61 -11.04 9.17 -3.43
C GLY B 61 -10.75 7.69 -3.46
N VAL B 62 -11.79 6.87 -3.36
CA VAL B 62 -11.61 5.42 -3.41
C VAL B 62 -10.88 5.04 -4.68
N LEU B 63 -11.35 5.56 -5.81
CA LEU B 63 -10.74 5.21 -7.09
C LEU B 63 -9.26 5.54 -7.06
N LYS B 64 -8.91 6.73 -6.60
CA LYS B 64 -7.50 7.12 -6.59
C LYS B 64 -6.67 6.08 -5.86
N VAL B 65 -7.11 5.70 -4.66
CA VAL B 65 -6.34 4.75 -3.88
C VAL B 65 -6.11 3.48 -4.69
N PHE B 66 -7.20 2.94 -5.25
CA PHE B 66 -7.07 1.72 -6.04
C PHE B 66 -6.04 1.91 -7.14
N LEU B 67 -6.17 2.99 -7.90
CA LEU B 67 -5.26 3.20 -9.01
C LEU B 67 -3.83 3.32 -8.51
N GLU B 68 -3.63 4.06 -7.41
CA GLU B 68 -2.28 4.25 -6.91
C GLU B 68 -1.65 2.93 -6.50
N ASN B 69 -2.46 1.96 -6.07
CA ASN B 69 -1.91 0.68 -5.69
C ASN B 69 -1.53 -0.16 -6.89
N VAL B 70 -2.27 -0.04 -7.99
CA VAL B 70 -1.98 -0.85 -9.16
C VAL B 70 -0.83 -0.25 -9.95
N ILE B 71 -0.95 1.03 -10.29
CA ILE B 71 0.07 1.70 -11.10
C ILE B 71 1.44 1.55 -10.46
N ARG B 72 1.52 1.79 -9.15
CA ARG B 72 2.80 1.71 -8.46
C ARG B 72 3.45 0.34 -8.62
N ASP B 73 2.64 -0.72 -8.60
CA ASP B 73 3.20 -2.04 -8.84
C ASP B 73 3.57 -2.21 -10.31
N ALA B 74 2.70 -1.75 -11.21
CA ALA B 74 2.98 -1.89 -12.64
C ALA B 74 4.29 -1.20 -12.98
N VAL B 75 4.46 0.04 -12.53
CA VAL B 75 5.71 0.75 -12.76
C VAL B 75 6.87 0.00 -12.12
N THR B 76 6.65 -0.58 -10.95
CA THR B 76 7.71 -1.35 -10.30
C THR B 76 8.12 -2.53 -11.16
N TYR B 77 7.17 -3.14 -11.86
CA TYR B 77 7.53 -4.18 -12.82
C TYR B 77 8.27 -3.56 -14.01
N THR B 78 7.79 -2.42 -14.49
CA THR B 78 8.36 -1.82 -15.69
C THR B 78 9.80 -1.41 -15.47
N GLU B 79 10.11 -0.90 -14.28
CA GLU B 79 11.48 -0.56 -13.97
C GLU B 79 12.37 -1.79 -13.89
N HIS B 80 11.84 -2.93 -13.45
CA HIS B 80 12.68 -4.11 -13.32
C HIS B 80 13.10 -4.65 -14.67
N ALA B 81 12.21 -4.64 -15.65
CA ALA B 81 12.55 -5.03 -17.01
C ALA B 81 13.40 -4.00 -17.71
N LYS B 82 13.78 -2.92 -17.02
CA LYS B 82 14.56 -1.83 -17.59
C LYS B 82 13.86 -1.24 -18.81
N ARG B 83 12.55 -1.12 -18.71
CA ARG B 83 11.72 -0.56 -19.77
C ARG B 83 11.25 0.84 -19.40
N LYS B 84 10.84 1.59 -20.41
CA LYS B 84 10.26 2.90 -20.21
C LYS B 84 8.79 2.95 -20.57
N THR B 85 8.24 1.83 -21.03
CA THR B 85 6.84 1.72 -21.43
C THR B 85 6.15 0.74 -20.50
N VAL B 86 5.00 1.12 -19.96
CA VAL B 86 4.22 0.24 -19.10
C VAL B 86 3.34 -0.60 -20.00
N THR B 87 3.65 -1.89 -20.10
CA THR B 87 2.91 -2.78 -20.97
C THR B 87 1.65 -3.28 -20.27
N ALA B 88 0.79 -3.98 -21.02
CA ALA B 88 -0.42 -4.54 -20.43
C ALA B 88 -0.10 -5.70 -19.52
N MET B 89 1.03 -6.38 -19.76
CA MET B 89 1.41 -7.49 -18.90
C MET B 89 1.83 -6.99 -17.53
N ASP B 90 2.43 -5.80 -17.45
CA ASP B 90 2.75 -5.20 -16.16
C ASP B 90 1.48 -4.95 -15.35
N VAL B 91 0.44 -4.43 -16.00
CA VAL B 91 -0.83 -4.21 -15.32
C VAL B 91 -1.44 -5.53 -14.88
N VAL B 92 -1.37 -6.54 -15.75
CA VAL B 92 -1.95 -7.84 -15.41
C VAL B 92 -1.24 -8.45 -14.22
N TYR B 93 0.09 -8.37 -14.19
CA TYR B 93 0.86 -8.87 -13.06
C TYR B 93 0.56 -8.09 -11.78
N ALA B 94 0.47 -6.76 -11.89
CA ALA B 94 0.17 -5.94 -10.72
C ALA B 94 -1.19 -6.25 -10.15
N LEU B 95 -2.16 -6.51 -11.02
CA LEU B 95 -3.50 -6.87 -10.57
C LEU B 95 -3.50 -8.26 -9.94
N LYS B 96 -2.84 -9.22 -10.58
CA LYS B 96 -2.75 -10.57 -10.03
C LYS B 96 -2.08 -10.57 -8.67
N ARG B 97 -1.13 -9.66 -8.47
CA ARG B 97 -0.39 -9.59 -7.21
C ARG B 97 -1.27 -9.24 -6.02
N GLN B 98 -2.44 -8.63 -6.24
CA GLN B 98 -3.30 -8.24 -5.14
C GLN B 98 -4.69 -8.87 -5.26
N GLY B 99 -4.76 -10.09 -5.79
CA GLY B 99 -6.02 -10.81 -5.86
C GLY B 99 -7.05 -10.20 -6.77
N ARG B 100 -6.63 -9.70 -7.93
CA ARG B 100 -7.52 -9.07 -8.89
C ARG B 100 -7.23 -9.59 -10.30
N THR B 101 -7.14 -10.91 -10.42
CA THR B 101 -6.81 -11.54 -11.70
C THR B 101 -7.73 -11.06 -12.80
N LEU B 102 -7.14 -10.63 -13.91
CA LEU B 102 -7.87 -10.09 -15.05
C LEU B 102 -7.63 -10.99 -16.26
N TYR B 103 -8.71 -11.48 -16.84
CA TYR B 103 -8.64 -12.33 -18.03
C TYR B 103 -8.91 -11.49 -19.27
N GLY B 104 -8.09 -11.68 -20.30
CA GLY B 104 -8.34 -11.06 -21.60
C GLY B 104 -7.24 -10.14 -22.09
N PHE B 105 -6.16 -9.94 -21.35
CA PHE B 105 -5.09 -9.05 -21.78
C PHE B 105 -3.74 -9.74 -21.82
N GLY B 106 -3.69 -11.04 -21.60
CA GLY B 106 -2.46 -11.80 -21.61
C GLY B 106 -2.33 -12.68 -20.39
N GLY B 107 -1.25 -13.46 -20.39
CA GLY B 107 -0.97 -14.37 -19.29
C GLY B 107 -1.92 -15.55 -19.23
N ARG C 32 20.09 -44.47 13.98
CA ARG C 32 18.91 -44.40 14.82
C ARG C 32 18.86 -43.00 15.46
N LYS C 33 19.85 -42.18 15.10
CA LYS C 33 19.97 -40.84 15.64
C LYS C 33 18.79 -39.96 15.21
N ARG C 34 18.47 -39.01 16.07
CA ARG C 34 17.38 -38.08 15.81
C ARG C 34 17.79 -37.06 14.75
N SER C 35 16.80 -36.59 14.00
CA SER C 35 17.03 -35.62 12.93
C SER C 35 16.99 -34.22 13.52
N ARG C 36 18.13 -33.53 13.49
CA ARG C 36 18.22 -32.18 14.01
C ARG C 36 17.48 -31.21 13.10
N LYS C 37 16.68 -30.33 13.70
CA LYS C 37 15.90 -29.36 12.95
C LYS C 37 16.48 -27.97 13.17
N GLU C 38 16.48 -27.18 12.11
CA GLU C 38 17.07 -25.84 12.15
C GLU C 38 16.02 -24.79 12.44
N SER C 39 16.49 -23.66 12.96
CA SER C 39 15.62 -22.53 13.26
C SER C 39 16.48 -21.28 13.32
N TYR C 40 15.82 -20.12 13.26
CA TYR C 40 16.47 -18.84 13.40
C TYR C 40 16.53 -18.37 14.84
N SER C 41 16.49 -19.29 15.80
CA SER C 41 16.38 -18.90 17.20
C SER C 41 17.60 -18.12 17.66
N ILE C 42 18.80 -18.60 17.34
CA ILE C 42 20.00 -17.93 17.81
C ILE C 42 20.17 -16.59 17.13
N TYR C 43 19.81 -16.50 15.85
CA TYR C 43 19.94 -15.23 15.13
C TYR C 43 18.92 -14.20 15.62
N VAL C 44 17.69 -14.65 15.87
CA VAL C 44 16.69 -13.75 16.43
C VAL C 44 17.13 -13.29 17.83
N TYR C 45 17.73 -14.17 18.60
CA TYR C 45 18.19 -13.78 19.93
C TYR C 45 19.34 -12.79 19.85
N LYS C 46 20.25 -12.96 18.89
CA LYS C 46 21.32 -11.99 18.71
C LYS C 46 20.77 -10.62 18.32
N VAL C 47 19.82 -10.60 17.39
CA VAL C 47 19.20 -9.33 17.00
C VAL C 47 18.51 -8.68 18.19
N LEU C 48 17.82 -9.47 19.01
CA LEU C 48 17.14 -8.94 20.19
C LEU C 48 18.14 -8.34 21.16
N LYS C 49 19.22 -9.06 21.45
CA LYS C 49 20.23 -8.53 22.35
C LYS C 49 20.96 -7.32 21.76
N GLN C 50 20.84 -7.10 20.45
CA GLN C 50 21.29 -5.84 19.89
C GLN C 50 20.31 -4.72 20.19
N VAL C 51 19.04 -4.91 19.84
CA VAL C 51 18.07 -3.81 19.97
C VAL C 51 17.71 -3.58 21.44
N HIS C 52 17.48 -4.66 22.20
CA HIS C 52 17.11 -4.57 23.61
C HIS C 52 18.05 -5.44 24.42
N PRO C 53 19.16 -4.88 24.90
CA PRO C 53 20.17 -5.70 25.57
C PRO C 53 19.70 -6.35 26.86
N ASP C 54 18.56 -5.94 27.41
CA ASP C 54 18.13 -6.42 28.72
C ASP C 54 16.93 -7.34 28.67
N THR C 55 16.07 -7.23 27.66
CA THR C 55 14.87 -8.06 27.61
C THR C 55 15.16 -9.42 27.03
N GLY C 56 14.38 -10.41 27.45
CA GLY C 56 14.44 -11.75 26.93
C GLY C 56 13.26 -12.06 26.04
N ILE C 57 13.08 -13.36 25.78
CA ILE C 57 12.02 -13.82 24.91
C ILE C 57 11.67 -15.25 25.30
N SER C 58 10.39 -15.58 25.26
CA SER C 58 9.93 -16.90 25.64
C SER C 58 9.95 -17.85 24.44
N SER C 59 9.69 -19.12 24.71
CA SER C 59 9.76 -20.13 23.65
C SER C 59 8.65 -19.94 22.63
N LYS C 60 7.47 -19.50 23.08
CA LYS C 60 6.36 -19.30 22.15
C LYS C 60 6.58 -18.06 21.30
N ALA C 61 7.16 -17.01 21.88
CA ALA C 61 7.48 -15.83 21.10
C ALA C 61 8.58 -16.14 20.08
N MET C 62 9.56 -16.97 20.45
CA MET C 62 10.54 -17.40 19.47
C MET C 62 9.92 -18.29 18.39
N GLY C 63 8.94 -19.11 18.75
CA GLY C 63 8.26 -19.88 17.72
C GLY C 63 7.53 -18.99 16.73
N ILE C 64 6.88 -17.95 17.24
CA ILE C 64 6.20 -17.00 16.36
C ILE C 64 7.21 -16.25 15.51
N MET C 65 8.38 -15.93 16.06
CA MET C 65 9.37 -15.20 15.28
C MET C 65 9.99 -16.07 14.20
N ASN C 66 10.21 -17.36 14.47
CA ASN C 66 10.65 -18.27 13.42
C ASN C 66 9.60 -18.41 12.32
N SER C 67 8.33 -18.51 12.71
CA SER C 67 7.26 -18.54 11.72
C SER C 67 7.27 -17.27 10.88
N PHE C 68 7.51 -16.12 11.50
CA PHE C 68 7.55 -14.86 10.77
C PHE C 68 8.68 -14.84 9.77
N VAL C 69 9.89 -15.24 10.18
CA VAL C 69 11.02 -15.23 9.27
C VAL C 69 10.79 -16.18 8.11
N ASN C 70 10.26 -17.37 8.37
CA ASN C 70 9.96 -18.30 7.29
C ASN C 70 8.91 -17.74 6.34
N ASP C 71 7.85 -17.15 6.89
CA ASP C 71 6.80 -16.59 6.05
C ASP C 71 7.35 -15.54 5.12
N ILE C 72 8.10 -14.58 5.65
CA ILE C 72 8.63 -13.52 4.81
C ILE C 72 9.66 -14.05 3.82
N PHE C 73 10.46 -15.04 4.22
CA PHE C 73 11.42 -15.64 3.30
C PHE C 73 10.71 -16.22 2.09
N GLU C 74 9.68 -17.06 2.31
CA GLU C 74 8.96 -17.61 1.16
C GLU C 74 8.23 -16.53 0.37
N ARG C 75 7.72 -15.48 1.02
CA ARG C 75 7.08 -14.41 0.26
C ARG C 75 8.07 -13.75 -0.70
N ILE C 76 9.22 -13.32 -0.18
CA ILE C 76 10.18 -12.61 -1.01
C ILE C 76 10.76 -13.54 -2.07
N ALA C 77 11.06 -14.78 -1.71
CA ALA C 77 11.65 -15.70 -2.66
C ALA C 77 10.66 -16.07 -3.77
N GLY C 78 9.38 -16.23 -3.44
CA GLY C 78 8.40 -16.51 -4.47
C GLY C 78 8.19 -15.35 -5.41
N GLU C 79 8.13 -14.13 -4.87
CA GLU C 79 8.02 -12.95 -5.74
C GLU C 79 9.25 -12.81 -6.63
N ALA C 80 10.44 -13.04 -6.09
CA ALA C 80 11.66 -12.96 -6.89
C ALA C 80 11.68 -14.03 -7.97
N SER C 81 11.20 -15.23 -7.65
CA SER C 81 11.12 -16.28 -8.66
C SER C 81 10.19 -15.91 -9.79
N ARG C 82 9.02 -15.35 -9.46
CA ARG C 82 8.11 -14.89 -10.51
C ARG C 82 8.73 -13.77 -11.33
N LEU C 83 9.44 -12.85 -10.68
CA LEU C 83 10.09 -11.76 -11.43
C LEU C 83 11.12 -12.29 -12.39
N ALA C 84 11.91 -13.28 -11.97
CA ALA C 84 12.88 -13.87 -12.88
C ALA C 84 12.20 -14.62 -14.01
N HIS C 85 11.03 -15.22 -13.76
CA HIS C 85 10.34 -15.94 -14.82
C HIS C 85 9.68 -14.98 -15.82
N TYR C 86 9.21 -13.83 -15.36
CA TYR C 86 8.57 -12.87 -16.26
C TYR C 86 9.54 -12.33 -17.29
N ASN C 87 10.77 -12.07 -16.88
CA ASN C 87 11.78 -11.48 -17.75
C ASN C 87 12.68 -12.52 -18.40
N LYS C 88 12.33 -13.80 -18.28
CA LYS C 88 13.06 -14.89 -18.93
C LYS C 88 14.49 -14.98 -18.44
N ARG C 89 14.73 -14.55 -17.20
CA ARG C 89 16.01 -14.73 -16.54
C ARG C 89 15.99 -16.05 -15.78
N SER C 90 17.10 -16.78 -15.82
CA SER C 90 17.22 -18.04 -15.10
C SER C 90 18.09 -17.89 -13.85
N THR C 91 18.13 -16.70 -13.27
CA THR C 91 18.94 -16.41 -12.11
C THR C 91 18.19 -15.45 -11.21
N ILE C 92 18.27 -15.69 -9.90
CA ILE C 92 17.78 -14.74 -8.91
C ILE C 92 18.97 -13.97 -8.39
N THR C 93 19.07 -12.71 -8.76
CA THR C 93 20.15 -11.83 -8.35
C THR C 93 19.65 -10.92 -7.23
N SER C 94 20.49 -9.96 -6.83
CA SER C 94 20.09 -9.08 -5.73
C SER C 94 19.11 -8.01 -6.17
N ARG C 95 19.04 -7.68 -7.46
CA ARG C 95 18.05 -6.70 -7.88
C ARG C 95 16.67 -7.31 -8.03
N GLU C 96 16.58 -8.63 -8.19
CA GLU C 96 15.27 -9.28 -8.17
C GLU C 96 14.75 -9.38 -6.73
N ILE C 97 15.65 -9.65 -5.79
CA ILE C 97 15.30 -9.56 -4.38
C ILE C 97 14.88 -8.13 -4.03
N GLN C 98 15.58 -7.15 -4.59
CA GLN C 98 15.24 -5.75 -4.30
C GLN C 98 13.86 -5.39 -4.83
N THR C 99 13.55 -5.79 -6.07
CA THR C 99 12.24 -5.52 -6.62
C THR C 99 11.15 -6.26 -5.87
N ALA C 100 11.42 -7.49 -5.42
CA ALA C 100 10.45 -8.21 -4.62
C ALA C 100 10.20 -7.52 -3.28
N VAL C 101 11.25 -6.98 -2.66
CA VAL C 101 11.07 -6.21 -1.43
C VAL C 101 10.23 -4.98 -1.70
N ARG C 102 10.49 -4.28 -2.80
CA ARG C 102 9.70 -3.10 -3.15
C ARG C 102 8.24 -3.46 -3.39
N LEU C 103 7.99 -4.64 -3.96
CA LEU C 103 6.63 -5.06 -4.25
C LEU C 103 5.87 -5.49 -3.00
N LEU C 104 6.55 -6.13 -2.06
CA LEU C 104 5.86 -6.76 -0.94
C LEU C 104 5.68 -5.84 0.26
N LEU C 105 6.73 -5.18 0.69
CA LEU C 105 6.61 -4.41 1.91
C LEU C 105 5.96 -3.05 1.64
N PRO C 106 5.17 -2.55 2.59
CA PRO C 106 4.64 -1.18 2.47
C PRO C 106 5.70 -0.11 2.46
N GLY C 107 5.30 1.15 2.27
CA GLY C 107 6.20 2.20 1.85
C GLY C 107 7.51 2.39 2.59
N GLU C 108 7.43 2.88 3.83
CA GLU C 108 8.65 3.15 4.58
C GLU C 108 9.40 1.87 4.92
N LEU C 109 8.66 0.79 5.15
CA LEU C 109 9.30 -0.51 5.37
C LEU C 109 10.11 -0.92 4.17
N ALA C 110 9.54 -0.78 2.97
CA ALA C 110 10.27 -1.13 1.75
C ALA C 110 11.49 -0.25 1.56
N LYS C 111 11.34 1.05 1.84
CA LYS C 111 12.45 1.97 1.67
C LYS C 111 13.61 1.61 2.60
N HIS C 112 13.30 1.34 3.87
CA HIS C 112 14.36 1.01 4.82
C HIS C 112 14.96 -0.36 4.54
N ALA C 113 14.14 -1.33 4.12
CA ALA C 113 14.66 -2.66 3.83
C ALA C 113 15.56 -2.65 2.61
N VAL C 114 15.20 -1.84 1.60
CA VAL C 114 16.08 -1.68 0.44
C VAL C 114 17.39 -1.04 0.86
N SER C 115 17.33 -0.04 1.74
CA SER C 115 18.57 0.59 2.22
C SER C 115 19.46 -0.41 2.94
N GLU C 116 18.88 -1.22 3.84
CA GLU C 116 19.69 -2.20 4.57
C GLU C 116 20.26 -3.26 3.65
N GLY C 117 19.47 -3.76 2.70
CA GLY C 117 19.98 -4.75 1.77
C GLY C 117 21.13 -4.21 0.93
N THR C 118 20.98 -2.99 0.42
CA THR C 118 22.05 -2.39 -0.37
C THR C 118 23.31 -2.20 0.46
N LYS C 119 23.20 -1.72 1.68
CA LYS C 119 24.40 -1.56 2.47
C LYS C 119 25.04 -2.89 2.80
N ALA C 120 24.26 -3.93 3.07
CA ALA C 120 24.86 -5.23 3.31
C ALA C 120 25.57 -5.76 2.08
N VAL C 121 24.97 -5.61 0.90
CA VAL C 121 25.58 -6.14 -0.31
C VAL C 121 26.88 -5.43 -0.61
N THR C 122 26.90 -4.10 -0.48
CA THR C 122 28.16 -3.38 -0.75
C THR C 122 29.19 -3.66 0.32
N LYS C 123 28.77 -3.82 1.57
CA LYS C 123 29.68 -4.18 2.64
C LYS C 123 30.28 -5.56 2.40
N TYR C 124 29.51 -6.46 1.80
CA TYR C 124 29.99 -7.80 1.52
C TYR C 124 30.95 -7.80 0.34
N THR C 125 30.63 -7.08 -0.73
CA THR C 125 31.48 -7.10 -1.91
C THR C 125 32.69 -6.18 -1.80
N SER C 126 32.74 -5.31 -0.81
CA SER C 126 33.86 -4.38 -0.67
C SER C 126 34.87 -4.82 0.37
N LYS D 42 -32.99 -4.94 49.98
CA LYS D 42 -32.85 -4.84 48.54
C LYS D 42 -31.36 -4.85 48.16
N PRO D 43 -30.92 -5.93 47.53
CA PRO D 43 -29.50 -6.08 47.23
C PRO D 43 -29.04 -5.10 46.15
N HIS D 44 -27.73 -4.88 46.12
CA HIS D 44 -27.13 -4.03 45.10
C HIS D 44 -27.24 -4.69 43.73
N ARG D 45 -27.46 -3.87 42.71
CA ARG D 45 -27.61 -4.37 41.35
C ARG D 45 -26.99 -3.38 40.37
N TYR D 46 -26.33 -3.92 39.35
CA TYR D 46 -25.74 -3.11 38.29
C TYR D 46 -26.73 -2.94 37.14
N ARG D 47 -26.67 -1.78 36.49
CA ARG D 47 -27.54 -1.54 35.36
C ARG D 47 -27.14 -2.41 34.17
N PRO D 48 -28.10 -2.81 33.34
CA PRO D 48 -27.76 -3.64 32.19
C PRO D 48 -26.87 -2.93 31.20
N GLY D 49 -25.64 -3.40 31.06
CA GLY D 49 -24.70 -2.82 30.13
C GLY D 49 -23.34 -2.56 30.73
N THR D 50 -23.27 -2.34 32.04
CA THR D 50 -21.99 -2.07 32.67
C THR D 50 -21.16 -3.33 32.85
N VAL D 51 -21.79 -4.44 33.24
CA VAL D 51 -21.07 -5.71 33.34
C VAL D 51 -20.65 -6.19 31.95
N ALA D 52 -21.44 -5.89 30.92
CA ALA D 52 -21.05 -6.20 29.56
C ALA D 52 -19.77 -5.46 29.17
N LEU D 53 -19.67 -4.19 29.54
CA LEU D 53 -18.44 -3.44 29.25
C LEU D 53 -17.35 -4.01 30.14
N ARG D 54 -17.69 -4.39 31.38
CA ARG D 54 -16.69 -5.01 32.24
C ARG D 54 -16.05 -6.23 31.57
N GLU D 55 -16.89 -7.07 30.98
CA GLU D 55 -16.44 -8.27 30.29
C GLU D 55 -15.72 -7.98 29.00
N ILE D 56 -16.14 -6.98 28.28
CA ILE D 56 -15.43 -6.59 27.06
C ILE D 56 -13.99 -6.24 27.38
N ARG D 57 -13.79 -5.42 28.41
CA ARG D 57 -12.44 -5.01 28.78
C ARG D 57 -11.60 -6.19 29.26
N ARG D 58 -12.18 -7.07 30.10
CA ARG D 58 -11.36 -8.14 30.65
C ARG D 58 -11.05 -9.22 29.61
N TYR D 59 -11.90 -9.38 28.61
CA TYR D 59 -11.62 -10.36 27.56
C TYR D 59 -10.79 -9.79 26.42
N GLN D 60 -10.69 -8.46 26.30
CA GLN D 60 -9.73 -7.89 25.38
C GLN D 60 -8.36 -7.69 26.02
N LYS D 61 -8.26 -7.65 27.35
CA LYS D 61 -6.95 -7.64 28.00
C LYS D 61 -6.28 -9.00 27.94
N SER D 62 -7.06 -10.08 28.04
CA SER D 62 -6.50 -11.42 28.17
C SER D 62 -6.25 -12.05 26.81
N THR D 63 -5.62 -13.22 26.83
CA THR D 63 -5.25 -13.90 25.59
C THR D 63 -5.52 -15.40 25.62
N GLU D 64 -6.23 -15.93 26.61
CA GLU D 64 -6.45 -17.37 26.66
C GLU D 64 -7.55 -17.77 25.68
N LEU D 65 -7.76 -19.07 25.59
CA LEU D 65 -8.83 -19.62 24.79
C LEU D 65 -10.15 -19.55 25.54
N LEU D 66 -11.21 -19.14 24.84
CA LEU D 66 -12.50 -18.89 25.45
C LEU D 66 -13.47 -20.05 25.31
N ILE D 67 -13.17 -21.03 24.46
CA ILE D 67 -13.98 -22.23 24.33
C ILE D 67 -13.35 -23.32 25.18
N ARG D 68 -14.19 -24.15 25.79
CA ARG D 68 -13.68 -25.30 26.53
C ARG D 68 -13.02 -26.29 25.57
N LYS D 69 -11.97 -26.95 26.06
CA LYS D 69 -11.09 -27.72 25.19
C LYS D 69 -11.63 -29.10 24.86
N LEU D 70 -12.18 -29.82 25.83
CA LEU D 70 -12.74 -31.14 25.55
C LEU D 70 -13.91 -31.08 24.58
N PRO D 71 -14.92 -30.21 24.76
CA PRO D 71 -15.99 -30.14 23.75
C PRO D 71 -15.49 -29.79 22.36
N PHE D 72 -14.52 -28.88 22.24
CA PHE D 72 -14.01 -28.54 20.93
C PHE D 72 -13.26 -29.70 20.31
N GLN D 73 -12.51 -30.45 21.11
CA GLN D 73 -11.82 -31.63 20.60
C GLN D 73 -12.81 -32.66 20.10
N ARG D 74 -13.90 -32.86 20.83
CA ARG D 74 -14.93 -33.79 20.37
C ARG D 74 -15.56 -33.33 19.06
N LEU D 75 -15.82 -32.03 18.94
CA LEU D 75 -16.37 -31.50 17.69
C LEU D 75 -15.42 -31.71 16.52
N VAL D 76 -14.13 -31.45 16.74
CA VAL D 76 -13.13 -31.67 15.70
C VAL D 76 -13.13 -33.13 15.27
N ARG D 77 -13.17 -34.06 16.23
CA ARG D 77 -13.15 -35.47 15.88
C ARG D 77 -14.41 -35.90 15.16
N GLU D 78 -15.56 -35.31 15.50
CA GLU D 78 -16.80 -35.63 14.79
C GLU D 78 -16.74 -35.20 13.33
N ILE D 79 -16.30 -33.97 13.08
CA ILE D 79 -16.15 -33.53 11.69
C ILE D 79 -15.16 -34.41 10.95
N ALA D 80 -14.02 -34.71 11.60
CA ALA D 80 -13.00 -35.52 10.94
C ALA D 80 -13.53 -36.91 10.60
N GLN D 81 -14.31 -37.52 11.49
CA GLN D 81 -14.84 -38.84 11.16
C GLN D 81 -15.81 -38.74 10.00
N ASP D 82 -16.52 -37.61 9.88
CA ASP D 82 -17.31 -37.42 8.67
C ASP D 82 -16.43 -37.37 7.42
N PHE D 83 -15.17 -36.96 7.56
CA PHE D 83 -14.28 -36.97 6.40
C PHE D 83 -13.54 -38.30 6.22
N LYS D 84 -12.75 -38.71 7.20
CA LYS D 84 -12.04 -39.98 7.15
C LYS D 84 -12.16 -40.76 8.45
N THR D 85 -12.25 -42.08 8.33
CA THR D 85 -12.52 -42.93 9.48
C THR D 85 -11.24 -43.33 10.21
N ASP D 86 -11.36 -43.48 11.53
CA ASP D 86 -10.27 -43.92 12.40
C ASP D 86 -9.05 -43.01 12.29
N LEU D 87 -9.28 -41.71 12.45
CA LEU D 87 -8.22 -40.73 12.43
C LEU D 87 -7.69 -40.47 13.83
N ARG D 88 -6.41 -40.14 13.90
CA ARG D 88 -5.78 -39.69 15.14
C ARG D 88 -5.32 -38.25 14.96
N PHE D 89 -5.27 -37.53 16.07
CA PHE D 89 -4.93 -36.11 16.06
C PHE D 89 -3.79 -35.86 17.03
N GLN D 90 -2.77 -35.15 16.59
CA GLN D 90 -1.83 -34.58 17.52
C GLN D 90 -2.54 -33.54 18.37
N SER D 91 -2.12 -33.43 19.64
CA SER D 91 -2.70 -32.40 20.49
C SER D 91 -2.42 -31.01 19.93
N SER D 92 -1.26 -30.83 19.29
CA SER D 92 -0.95 -29.56 18.67
C SER D 92 -1.89 -29.27 17.51
N ALA D 93 -2.37 -30.30 16.81
CA ALA D 93 -3.31 -30.08 15.72
C ALA D 93 -4.62 -29.52 16.23
N VAL D 94 -5.15 -30.10 17.31
CA VAL D 94 -6.38 -29.58 17.89
C VAL D 94 -6.19 -28.19 18.47
N MET D 95 -5.04 -27.93 19.10
CA MET D 95 -4.77 -26.59 19.61
C MET D 95 -4.68 -25.56 18.49
N ALA D 96 -4.06 -25.92 17.37
CA ALA D 96 -4.00 -25.01 16.23
C ALA D 96 -5.39 -24.76 15.66
N LEU D 97 -6.21 -25.80 15.59
CA LEU D 97 -7.58 -25.62 15.11
C LEU D 97 -8.36 -24.68 16.01
N GLN D 98 -8.18 -24.81 17.33
CA GLN D 98 -8.88 -23.93 18.26
C GLN D 98 -8.40 -22.49 18.15
N GLU D 99 -7.08 -22.29 18.04
CA GLU D 99 -6.56 -20.94 17.80
C GLU D 99 -7.19 -20.31 16.58
N ALA D 100 -7.18 -21.04 15.45
CA ALA D 100 -7.74 -20.51 14.22
C ALA D 100 -9.23 -20.23 14.35
N CYS D 101 -9.98 -21.15 14.95
CA CYS D 101 -11.42 -20.98 15.06
C CYS D 101 -11.78 -19.78 15.92
N GLU D 102 -11.11 -19.61 17.05
CA GLU D 102 -11.42 -18.49 17.93
C GLU D 102 -11.01 -17.16 17.30
N ALA D 103 -9.87 -17.13 16.61
CA ALA D 103 -9.49 -15.91 15.91
C ALA D 103 -10.52 -15.55 14.85
N TYR D 104 -10.99 -16.54 14.09
CA TYR D 104 -12.00 -16.30 13.08
C TYR D 104 -13.28 -15.78 13.68
N LEU D 105 -13.73 -16.37 14.78
CA LEU D 105 -14.99 -15.94 15.38
C LEU D 105 -14.88 -14.54 15.97
N VAL D 106 -13.73 -14.21 16.58
CA VAL D 106 -13.57 -12.86 17.12
C VAL D 106 -13.57 -11.83 16.01
N GLY D 107 -12.86 -12.10 14.90
CA GLY D 107 -12.89 -11.17 13.79
C GLY D 107 -14.29 -11.02 13.20
N LEU D 108 -15.00 -12.13 13.06
CA LEU D 108 -16.35 -12.07 12.52
C LEU D 108 -17.28 -11.29 13.43
N PHE D 109 -17.07 -11.39 14.75
CA PHE D 109 -17.90 -10.62 15.66
C PHE D 109 -17.56 -9.14 15.63
N GLU D 110 -16.30 -8.79 15.35
CA GLU D 110 -15.98 -7.38 15.15
C GLU D 110 -16.73 -6.82 13.93
N ASP D 111 -16.68 -7.54 12.81
CA ASP D 111 -17.43 -7.10 11.63
C ASP D 111 -18.94 -7.07 11.89
N THR D 112 -19.46 -8.05 12.62
CA THR D 112 -20.88 -8.08 12.98
C THR D 112 -21.27 -6.89 13.82
N ASN D 113 -20.43 -6.50 14.79
CA ASN D 113 -20.70 -5.32 15.59
C ASN D 113 -20.73 -4.07 14.73
N LEU D 114 -19.80 -3.97 13.76
CA LEU D 114 -19.84 -2.83 12.86
C LEU D 114 -21.14 -2.79 12.07
N CYS D 115 -21.59 -3.94 11.58
CA CYS D 115 -22.85 -3.99 10.83
C CYS D 115 -24.04 -3.64 11.71
N ALA D 116 -24.01 -4.02 12.98
CA ALA D 116 -25.10 -3.67 13.88
C ALA D 116 -25.13 -2.18 14.17
N ILE D 117 -23.95 -1.58 14.39
CA ILE D 117 -23.88 -0.14 14.63
C ILE D 117 -24.31 0.64 13.40
N HIS D 118 -24.01 0.13 12.20
CA HIS D 118 -24.49 0.77 10.98
C HIS D 118 -26.01 0.87 10.96
N ALA D 119 -26.73 -0.15 11.39
CA ALA D 119 -28.16 -0.08 11.37
C ALA D 119 -28.74 0.66 12.54
N LYS D 120 -27.90 1.44 13.22
CA LYS D 120 -28.24 2.22 14.42
C LYS D 120 -28.80 1.33 15.49
N ARG D 121 -28.09 0.26 15.82
CA ARG D 121 -28.50 -0.66 16.85
C ARG D 121 -27.32 -0.94 17.73
N VAL D 122 -27.58 -1.60 18.83
CA VAL D 122 -26.54 -1.95 19.79
C VAL D 122 -26.47 -3.45 19.87
N THR D 123 -27.59 -4.11 19.58
CA THR D 123 -27.68 -5.56 19.60
C THR D 123 -27.25 -6.15 18.27
N ILE D 124 -26.44 -7.18 18.31
CA ILE D 124 -26.05 -7.89 17.10
C ILE D 124 -27.08 -8.98 16.84
N MET D 125 -27.47 -9.13 15.58
CA MET D 125 -28.53 -10.01 15.15
C MET D 125 -28.01 -10.91 14.06
N PRO D 126 -28.69 -12.03 13.78
CA PRO D 126 -28.20 -12.93 12.74
C PRO D 126 -28.02 -12.27 11.38
N LYS D 127 -28.86 -11.28 11.05
CA LYS D 127 -28.71 -10.59 9.78
C LYS D 127 -27.42 -9.78 9.73
N ASP D 128 -26.91 -9.33 10.88
CA ASP D 128 -25.61 -8.67 10.89
C ASP D 128 -24.50 -9.65 10.55
N ILE D 129 -24.56 -10.86 11.11
CA ILE D 129 -23.59 -11.90 10.77
C ILE D 129 -23.66 -12.22 9.29
N GLN D 130 -24.87 -12.33 8.76
CA GLN D 130 -25.04 -12.68 7.36
C GLN D 130 -24.53 -11.57 6.45
N LEU D 131 -24.78 -10.31 6.78
CA LEU D 131 -24.23 -9.22 5.97
C LEU D 131 -22.72 -9.19 6.02
N ALA D 132 -22.14 -9.37 7.21
CA ALA D 132 -20.69 -9.41 7.31
C ALA D 132 -20.10 -10.51 6.44
N ARG D 133 -20.64 -11.74 6.57
CA ARG D 133 -20.14 -12.86 5.79
C ARG D 133 -20.34 -12.64 4.30
N ARG D 134 -21.46 -12.03 3.91
CA ARG D 134 -21.74 -11.74 2.51
C ARG D 134 -20.71 -10.78 1.94
N ILE D 135 -20.37 -9.73 2.70
CA ILE D 135 -19.41 -8.76 2.19
C ILE D 135 -17.99 -9.31 2.18
N ARG D 136 -17.64 -10.15 3.15
CA ARG D 136 -16.31 -10.76 3.15
C ARG D 136 -16.13 -11.80 2.06
N GLY D 137 -17.19 -12.14 1.34
CA GLY D 137 -17.09 -13.13 0.28
C GLY D 137 -17.20 -14.55 0.75
N GLU D 138 -17.86 -14.79 1.88
CA GLU D 138 -17.99 -16.12 2.44
C GLU D 138 -19.38 -16.71 2.22
N ARG D 139 -20.37 -15.88 1.90
CA ARG D 139 -21.77 -16.28 1.85
C ARG D 139 -22.36 -16.23 0.45
N ALA D 140 -22.14 -15.14 -0.27
CA ALA D 140 -22.64 -14.95 -1.64
C ALA D 140 -24.15 -15.14 -1.72
N LYS E 25 -18.10 -46.82 15.98
CA LYS E 25 -18.62 -45.81 16.90
C LYS E 25 -18.45 -44.41 16.34
N VAL E 26 -19.44 -43.55 16.56
CA VAL E 26 -19.45 -42.20 16.02
C VAL E 26 -19.82 -41.21 17.12
N LEU E 27 -19.48 -39.96 16.87
CA LEU E 27 -19.82 -38.84 17.74
C LEU E 27 -20.90 -38.00 17.06
N ARG E 28 -21.82 -37.46 17.84
CA ARG E 28 -22.87 -36.62 17.27
C ARG E 28 -23.23 -35.50 18.24
N ASP E 29 -23.72 -34.40 17.67
CA ASP E 29 -24.25 -33.26 18.42
C ASP E 29 -23.22 -32.71 19.40
N ASN E 30 -21.98 -32.59 18.94
CA ASN E 30 -20.94 -31.94 19.72
C ASN E 30 -20.86 -30.44 19.47
N ILE E 31 -21.56 -29.94 18.43
CA ILE E 31 -21.60 -28.50 18.19
C ILE E 31 -22.32 -27.79 19.33
N GLN E 32 -23.20 -28.49 20.03
CA GLN E 32 -23.85 -27.92 21.20
C GLN E 32 -22.90 -27.79 22.38
N GLY E 33 -21.70 -28.35 22.28
CA GLY E 33 -20.66 -28.11 23.27
C GLY E 33 -19.97 -26.79 23.14
N ILE E 34 -20.22 -26.07 22.04
CA ILE E 34 -19.85 -24.67 21.92
C ILE E 34 -21.00 -23.89 22.53
N THR E 35 -20.92 -23.70 23.85
CA THR E 35 -22.08 -23.28 24.61
C THR E 35 -22.38 -21.81 24.35
N LYS E 36 -23.53 -21.37 24.86
CA LYS E 36 -23.88 -19.96 24.81
C LYS E 36 -22.91 -19.07 25.60
N PRO E 37 -22.49 -19.41 26.82
CA PRO E 37 -21.46 -18.58 27.48
C PRO E 37 -20.18 -18.44 26.69
N ALA E 38 -19.73 -19.48 26.01
CA ALA E 38 -18.49 -19.38 25.23
C ALA E 38 -18.67 -18.43 24.06
N ILE E 39 -19.83 -18.47 23.40
CA ILE E 39 -20.09 -17.57 22.30
C ILE E 39 -20.17 -16.13 22.78
N ARG E 40 -20.75 -15.91 23.96
CA ARG E 40 -20.77 -14.56 24.50
C ARG E 40 -19.38 -14.07 24.88
N ARG E 41 -18.52 -14.96 25.39
CA ARG E 41 -17.13 -14.57 25.65
C ARG E 41 -16.42 -14.17 24.36
N LEU E 42 -16.62 -14.95 23.30
CA LEU E 42 -16.02 -14.62 22.01
C LEU E 42 -16.56 -13.32 21.46
N ALA E 43 -17.84 -13.02 21.72
CA ALA E 43 -18.40 -11.75 21.30
C ALA E 43 -17.84 -10.59 22.12
N ARG E 44 -17.65 -10.80 23.42
CA ARG E 44 -17.07 -9.76 24.27
C ARG E 44 -15.65 -9.42 23.84
N ARG E 45 -14.85 -10.43 23.50
CA ARG E 45 -13.54 -10.11 22.95
C ARG E 45 -13.65 -9.38 21.61
N GLY E 46 -14.76 -9.53 20.90
CA GLY E 46 -15.03 -8.76 19.71
C GLY E 46 -15.61 -7.39 19.94
N GLY E 47 -15.85 -7.01 21.19
CA GLY E 47 -16.37 -5.71 21.51
C GLY E 47 -17.87 -5.57 21.48
N VAL E 48 -18.61 -6.66 21.59
CA VAL E 48 -20.05 -6.67 21.44
C VAL E 48 -20.70 -6.46 22.79
N LYS E 49 -21.63 -5.50 22.85
CA LYS E 49 -22.28 -5.13 24.11
C LYS E 49 -23.56 -5.93 24.37
N ARG E 50 -24.44 -6.02 23.38
CA ARG E 50 -25.66 -6.81 23.48
C ARG E 50 -25.69 -7.86 22.38
N ILE E 51 -26.29 -9.00 22.69
CA ILE E 51 -26.30 -10.16 21.80
C ILE E 51 -27.73 -10.66 21.71
N SER E 52 -28.29 -10.66 20.50
CA SER E 52 -29.62 -11.20 20.29
C SER E 52 -29.62 -12.71 20.53
N GLY E 53 -30.77 -13.23 20.95
CA GLY E 53 -30.84 -14.63 21.34
C GLY E 53 -30.71 -15.60 20.20
N LEU E 54 -30.90 -15.15 18.96
CA LEU E 54 -30.77 -16.00 17.79
C LEU E 54 -29.34 -16.02 17.24
N ILE E 55 -28.41 -15.33 17.89
CA ILE E 55 -27.02 -15.34 17.44
C ILE E 55 -26.41 -16.71 17.63
N TYR E 56 -26.60 -17.32 18.79
CA TYR E 56 -25.80 -18.47 19.18
C TYR E 56 -25.91 -19.58 18.14
N GLU E 57 -27.14 -19.99 17.82
CA GLU E 57 -27.33 -21.03 16.81
C GLU E 57 -26.68 -20.62 15.50
N GLU E 58 -26.96 -19.39 15.05
CA GLU E 58 -26.31 -18.87 13.85
C GLU E 58 -24.81 -19.04 13.94
N THR E 59 -24.22 -18.61 15.06
CA THR E 59 -22.77 -18.70 15.22
C THR E 59 -22.31 -20.14 15.06
N ARG E 60 -23.00 -21.07 15.71
CA ARG E 60 -22.60 -22.47 15.60
C ARG E 60 -22.55 -22.90 14.15
N GLY E 61 -23.59 -22.56 13.39
CA GLY E 61 -23.58 -22.92 11.98
C GLY E 61 -22.33 -22.39 11.30
N VAL E 62 -22.06 -21.10 11.48
CA VAL E 62 -20.88 -20.51 10.86
C VAL E 62 -19.63 -21.29 11.26
N LEU E 63 -19.49 -21.56 12.56
CA LEU E 63 -18.32 -22.28 13.01
C LEU E 63 -18.17 -23.60 12.29
N LYS E 64 -19.27 -24.36 12.19
CA LYS E 64 -19.19 -25.66 11.53
C LYS E 64 -18.58 -25.50 10.15
N VAL E 65 -19.11 -24.56 9.36
CA VAL E 65 -18.63 -24.39 8.00
C VAL E 65 -17.13 -24.16 8.01
N PHE E 66 -16.68 -23.21 8.83
CA PHE E 66 -15.26 -22.91 8.89
C PHE E 66 -14.47 -24.17 9.22
N LEU E 67 -14.90 -24.89 10.25
CA LEU E 67 -14.17 -26.09 10.64
C LEU E 67 -14.15 -27.10 9.51
N GLU E 68 -15.30 -27.32 8.87
CA GLU E 68 -15.33 -28.32 7.80
C GLU E 68 -14.42 -27.92 6.66
N ASN E 69 -14.24 -26.61 6.44
CA ASN E 69 -13.38 -26.20 5.34
C ASN E 69 -11.92 -26.44 5.65
N VAL E 70 -11.54 -26.38 6.93
CA VAL E 70 -10.14 -26.53 7.30
C VAL E 70 -9.77 -27.98 7.45
N ILE E 71 -10.56 -28.72 8.23
CA ILE E 71 -10.27 -30.13 8.46
C ILE E 71 -10.21 -30.90 7.15
N ARG E 72 -11.16 -30.64 6.25
CA ARG E 72 -11.16 -31.30 4.95
C ARG E 72 -9.83 -31.10 4.23
N ASP E 73 -9.26 -29.91 4.33
CA ASP E 73 -7.94 -29.68 3.75
C ASP E 73 -6.86 -30.41 4.54
N ALA E 74 -6.91 -30.30 5.86
CA ALA E 74 -5.89 -30.94 6.70
C ALA E 74 -5.84 -32.43 6.44
N VAL E 75 -7.00 -33.08 6.49
CA VAL E 75 -7.06 -34.51 6.21
C VAL E 75 -6.52 -34.81 4.82
N THR E 76 -6.83 -33.94 3.85
CA THR E 76 -6.33 -34.16 2.50
C THR E 76 -4.81 -34.14 2.46
N TYR E 77 -4.18 -33.30 3.28
CA TYR E 77 -2.74 -33.35 3.41
C TYR E 77 -2.29 -34.64 4.08
N THR E 78 -3.02 -35.04 5.13
CA THR E 78 -2.66 -36.23 5.88
C THR E 78 -2.72 -37.48 5.00
N GLU E 79 -3.75 -37.58 4.16
CA GLU E 79 -3.85 -38.71 3.25
C GLU E 79 -2.73 -38.69 2.22
N HIS E 80 -2.23 -37.51 1.85
CA HIS E 80 -1.19 -37.49 0.83
C HIS E 80 0.16 -37.92 1.40
N ALA E 81 0.43 -37.62 2.66
CA ALA E 81 1.62 -38.10 3.33
C ALA E 81 1.53 -39.58 3.70
N LYS E 82 0.41 -40.22 3.41
CA LYS E 82 0.16 -41.61 3.80
C LYS E 82 0.27 -41.79 5.31
N ARG E 83 -0.21 -40.80 6.05
CA ARG E 83 -0.27 -40.84 7.50
C ARG E 83 -1.69 -41.11 7.95
N LYS E 84 -1.81 -41.53 9.21
CA LYS E 84 -3.10 -41.71 9.85
C LYS E 84 -3.27 -40.80 11.05
N THR E 85 -2.28 -39.97 11.35
CA THR E 85 -2.35 -38.95 12.39
C THR E 85 -2.34 -37.59 11.71
N VAL E 86 -3.26 -36.71 12.11
CA VAL E 86 -3.29 -35.36 11.59
C VAL E 86 -2.35 -34.51 12.45
N THR E 87 -1.29 -34.00 11.84
CA THR E 87 -0.29 -33.24 12.58
C THR E 87 -0.62 -31.75 12.56
N ALA E 88 0.09 -30.99 13.40
CA ALA E 88 -0.14 -29.55 13.47
C ALA E 88 0.26 -28.86 12.18
N MET E 89 1.21 -29.44 11.45
CA MET E 89 1.64 -28.80 10.21
C MET E 89 0.62 -29.01 9.10
N ASP E 90 -0.14 -30.10 9.14
CA ASP E 90 -1.26 -30.25 8.22
C ASP E 90 -2.28 -29.13 8.43
N VAL E 91 -2.59 -28.81 9.68
CA VAL E 91 -3.53 -27.73 9.97
C VAL E 91 -2.94 -26.39 9.56
N VAL E 92 -1.64 -26.18 9.80
CA VAL E 92 -1.02 -24.92 9.42
C VAL E 92 -1.06 -24.73 7.91
N TYR E 93 -0.77 -25.78 7.15
CA TYR E 93 -0.84 -25.73 5.70
C TYR E 93 -2.28 -25.51 5.22
N ALA E 94 -3.24 -26.17 5.86
CA ALA E 94 -4.63 -26.01 5.48
C ALA E 94 -5.09 -24.58 5.71
N LEU E 95 -4.66 -23.95 6.79
CA LEU E 95 -5.05 -22.57 7.07
C LEU E 95 -4.35 -21.60 6.13
N LYS E 96 -3.05 -21.80 5.89
CA LYS E 96 -2.33 -20.94 4.96
C LYS E 96 -2.89 -21.04 3.56
N ARG E 97 -3.35 -22.23 3.17
CA ARG E 97 -3.92 -22.47 1.86
C ARG E 97 -5.21 -21.68 1.63
N GLN E 98 -5.85 -21.20 2.68
CA GLN E 98 -7.05 -20.38 2.53
C GLN E 98 -6.90 -19.00 3.18
N GLY E 99 -5.70 -18.45 3.16
CA GLY E 99 -5.48 -17.09 3.64
C GLY E 99 -5.73 -16.87 5.11
N ARG E 100 -5.29 -17.80 5.95
CA ARG E 100 -5.42 -17.71 7.40
C ARG E 100 -4.12 -18.09 8.07
N THR E 101 -3.01 -17.51 7.62
CA THR E 101 -1.70 -17.87 8.13
C THR E 101 -1.68 -17.79 9.65
N LEU E 102 -1.16 -18.84 10.27
CA LEU E 102 -1.13 -18.99 11.73
C LEU E 102 0.31 -19.12 12.18
N TYR E 103 0.75 -18.22 13.06
CA TYR E 103 2.09 -18.22 13.61
C TYR E 103 2.08 -18.91 14.96
N GLY E 104 3.04 -19.80 15.18
CA GLY E 104 3.26 -20.37 16.50
C GLY E 104 3.17 -21.88 16.59
N PHE E 105 2.85 -22.60 15.52
CA PHE E 105 2.75 -24.05 15.56
C PHE E 105 3.66 -24.71 14.55
N GLY E 106 4.76 -24.06 14.18
CA GLY E 106 5.63 -24.53 13.12
C GLY E 106 5.38 -23.79 11.82
N GLY E 107 6.15 -24.18 10.82
CA GLY E 107 6.03 -23.56 9.51
C GLY E 107 6.80 -22.26 9.41
N ARG F 34 11.60 -12.96 -36.51
CA ARG F 34 10.54 -12.65 -35.56
C ARG F 34 10.61 -13.60 -34.37
N SER F 35 9.49 -13.70 -33.65
CA SER F 35 9.34 -14.65 -32.56
C SER F 35 7.93 -15.20 -32.59
N ARG F 36 7.81 -16.52 -32.42
CA ARG F 36 6.52 -17.19 -32.41
C ARG F 36 6.12 -17.49 -30.98
N LYS F 37 4.86 -17.19 -30.64
CA LYS F 37 4.35 -17.35 -29.29
C LYS F 37 3.30 -18.46 -29.26
N GLU F 38 3.42 -19.34 -28.27
CA GLU F 38 2.53 -20.48 -28.15
C GLU F 38 1.24 -20.09 -27.44
N SER F 39 0.22 -20.91 -27.65
CA SER F 39 -1.09 -20.66 -27.08
C SER F 39 -1.88 -21.96 -27.10
N TYR F 40 -3.00 -21.97 -26.40
CA TYR F 40 -3.90 -23.11 -26.35
C TYR F 40 -5.07 -22.98 -27.29
N SER F 41 -4.96 -22.11 -28.30
CA SER F 41 -6.12 -21.76 -29.11
C SER F 41 -6.66 -22.95 -29.88
N ILE F 42 -5.77 -23.73 -30.51
CA ILE F 42 -6.26 -24.83 -31.34
C ILE F 42 -6.87 -25.93 -30.48
N TYR F 43 -6.32 -26.17 -29.29
CA TYR F 43 -6.87 -27.20 -28.42
C TYR F 43 -8.22 -26.77 -27.85
N VAL F 44 -8.34 -25.50 -27.46
CA VAL F 44 -9.62 -24.97 -27.01
C VAL F 44 -10.66 -25.07 -28.12
N TYR F 45 -10.25 -24.80 -29.35
CA TYR F 45 -11.19 -24.88 -30.47
C TYR F 45 -11.59 -26.33 -30.75
N LYS F 46 -10.66 -27.27 -30.64
CA LYS F 46 -11.02 -28.67 -30.82
C LYS F 46 -12.00 -29.14 -29.75
N VAL F 47 -11.77 -28.74 -28.50
CA VAL F 47 -12.70 -29.08 -27.43
C VAL F 47 -14.07 -28.46 -27.70
N LEU F 48 -14.09 -27.21 -28.15
CA LEU F 48 -15.35 -26.54 -28.45
C LEU F 48 -16.10 -27.25 -29.57
N LYS F 49 -15.39 -27.68 -30.60
CA LYS F 49 -16.03 -28.42 -31.68
C LYS F 49 -16.51 -29.78 -31.21
N GLN F 50 -15.88 -30.35 -30.19
CA GLN F 50 -16.40 -31.56 -29.58
C GLN F 50 -17.73 -31.30 -28.88
N VAL F 51 -17.77 -30.27 -28.03
CA VAL F 51 -18.90 -30.13 -27.13
C VAL F 51 -20.05 -29.38 -27.80
N HIS F 52 -19.75 -28.39 -28.64
CA HIS F 52 -20.76 -27.63 -29.38
C HIS F 52 -20.33 -27.61 -30.83
N PRO F 53 -20.76 -28.60 -31.63
CA PRO F 53 -20.20 -28.77 -32.97
C PRO F 53 -20.48 -27.61 -33.92
N ASP F 54 -21.45 -26.75 -33.61
CA ASP F 54 -21.88 -25.73 -34.56
C ASP F 54 -21.50 -24.30 -34.17
N THR F 55 -21.26 -24.01 -32.90
CA THR F 55 -20.93 -22.66 -32.48
C THR F 55 -19.44 -22.38 -32.69
N GLY F 56 -19.12 -21.10 -32.88
CA GLY F 56 -17.76 -20.64 -32.92
C GLY F 56 -17.39 -19.83 -31.70
N ILE F 57 -16.22 -19.21 -31.76
CA ILE F 57 -15.70 -18.42 -30.65
C ILE F 57 -14.92 -17.23 -31.22
N SER F 58 -15.04 -16.10 -30.54
CA SER F 58 -14.38 -14.88 -30.98
C SER F 58 -12.93 -14.84 -30.47
N SER F 59 -12.18 -13.85 -30.97
CA SER F 59 -10.76 -13.74 -30.60
C SER F 59 -10.60 -13.33 -29.15
N LYS F 60 -11.48 -12.45 -28.66
CA LYS F 60 -11.38 -12.02 -27.27
C LYS F 60 -11.79 -13.13 -26.32
N ALA F 61 -12.82 -13.89 -26.67
CA ALA F 61 -13.20 -15.04 -25.85
C ALA F 61 -12.10 -16.09 -25.85
N MET F 62 -11.40 -16.26 -26.98
CA MET F 62 -10.29 -17.20 -27.00
C MET F 62 -9.12 -16.69 -26.17
N GLY F 63 -8.90 -15.38 -26.14
CA GLY F 63 -7.89 -14.84 -25.24
C GLY F 63 -8.23 -15.09 -23.79
N ILE F 64 -9.51 -14.93 -23.44
CA ILE F 64 -9.95 -15.22 -22.07
C ILE F 64 -9.80 -16.69 -21.75
N MET F 65 -10.06 -17.55 -22.73
CA MET F 65 -9.88 -18.99 -22.53
C MET F 65 -8.41 -19.34 -22.30
N ASN F 66 -7.51 -18.72 -23.06
CA ASN F 66 -6.09 -18.94 -22.84
C ASN F 66 -5.66 -18.49 -21.45
N SER F 67 -6.15 -17.32 -21.03
CA SER F 67 -5.83 -16.84 -19.69
C SER F 67 -6.34 -17.81 -18.64
N PHE F 68 -7.54 -18.36 -18.84
CA PHE F 68 -8.09 -19.31 -17.89
C PHE F 68 -7.25 -20.57 -17.79
N VAL F 69 -6.85 -21.12 -18.94
CA VAL F 69 -6.05 -22.35 -18.94
C VAL F 69 -4.72 -22.11 -18.26
N ASN F 70 -4.06 -20.99 -18.56
CA ASN F 70 -2.78 -20.68 -17.92
C ASN F 70 -2.95 -20.49 -16.42
N ASP F 71 -4.02 -19.81 -16.00
CA ASP F 71 -4.26 -19.58 -14.58
C ASP F 71 -4.43 -20.90 -13.83
N ILE F 72 -5.25 -21.80 -14.36
CA ILE F 72 -5.50 -23.06 -13.68
C ILE F 72 -4.26 -23.94 -13.70
N PHE F 73 -3.50 -23.93 -14.80
CA PHE F 73 -2.24 -24.65 -14.84
C PHE F 73 -1.31 -24.17 -13.73
N GLU F 74 -1.17 -22.85 -13.60
CA GLU F 74 -0.30 -22.30 -12.56
C GLU F 74 -0.77 -22.71 -11.18
N ARG F 75 -2.09 -22.65 -10.94
CA ARG F 75 -2.61 -23.01 -9.64
C ARG F 75 -2.30 -24.46 -9.28
N ILE F 76 -2.63 -25.38 -10.18
CA ILE F 76 -2.46 -26.80 -9.89
C ILE F 76 -0.99 -27.15 -9.78
N ALA F 77 -0.15 -26.62 -10.67
CA ALA F 77 1.27 -26.93 -10.62
C ALA F 77 1.93 -26.35 -9.37
N GLY F 78 1.52 -25.16 -8.94
CA GLY F 78 2.06 -24.61 -7.72
C GLY F 78 1.66 -25.41 -6.49
N GLU F 79 0.40 -25.82 -6.42
CA GLU F 79 -0.01 -26.64 -5.29
C GLU F 79 0.69 -27.99 -5.29
N ALA F 80 0.89 -28.60 -6.47
CA ALA F 80 1.62 -29.85 -6.54
C ALA F 80 3.06 -29.67 -6.10
N SER F 81 3.68 -28.56 -6.48
CA SER F 81 5.05 -28.27 -6.05
C SER F 81 5.13 -28.13 -4.54
N ARG F 82 4.18 -27.42 -3.94
CA ARG F 82 4.16 -27.30 -2.49
C ARG F 82 3.96 -28.64 -1.81
N LEU F 83 3.08 -29.48 -2.37
CA LEU F 83 2.86 -30.81 -1.80
C LEU F 83 4.13 -31.64 -1.83
N ALA F 84 4.85 -31.63 -2.95
CA ALA F 84 6.08 -32.41 -3.04
C ALA F 84 7.14 -31.85 -2.09
N HIS F 85 7.15 -30.53 -1.90
CA HIS F 85 8.13 -29.94 -0.98
C HIS F 85 7.82 -30.30 0.47
N TYR F 86 6.53 -30.35 0.83
CA TYR F 86 6.16 -30.66 2.21
C TYR F 86 6.59 -32.05 2.61
N ASN F 87 6.44 -33.02 1.71
CA ASN F 87 6.79 -34.40 1.99
C ASN F 87 8.22 -34.75 1.63
N LYS F 88 9.03 -33.75 1.29
CA LYS F 88 10.45 -33.94 0.97
C LYS F 88 10.62 -34.90 -0.20
N ARG F 89 9.73 -34.80 -1.17
CA ARG F 89 9.85 -35.49 -2.44
C ARG F 89 10.40 -34.55 -3.50
N SER F 90 11.23 -35.08 -4.38
CA SER F 90 11.80 -34.30 -5.45
C SER F 90 11.10 -34.53 -6.78
N THR F 91 9.99 -35.26 -6.78
CA THR F 91 9.26 -35.59 -7.99
C THR F 91 7.81 -35.16 -7.84
N ILE F 92 7.26 -34.56 -8.90
CA ILE F 92 5.83 -34.32 -9.00
C ILE F 92 5.26 -35.47 -9.81
N THR F 93 4.62 -36.41 -9.12
CA THR F 93 3.97 -37.54 -9.74
C THR F 93 2.51 -37.17 -10.06
N SER F 94 1.73 -38.12 -10.51
CA SER F 94 0.33 -37.85 -10.79
C SER F 94 -0.54 -37.85 -9.54
N ARG F 95 -0.05 -38.37 -8.42
CA ARG F 95 -0.83 -38.28 -7.20
C ARG F 95 -0.66 -36.93 -6.52
N GLU F 96 0.48 -36.25 -6.74
CA GLU F 96 0.56 -34.85 -6.35
C GLU F 96 -0.43 -34.00 -7.14
N ILE F 97 -0.55 -34.26 -8.44
CA ILE F 97 -1.53 -33.54 -9.26
C ILE F 97 -2.95 -33.85 -8.79
N GLN F 98 -3.21 -35.11 -8.45
CA GLN F 98 -4.53 -35.49 -7.96
C GLN F 98 -4.87 -34.79 -6.65
N THR F 99 -3.92 -34.76 -5.71
CA THR F 99 -4.16 -34.07 -4.44
C THR F 99 -4.34 -32.57 -4.64
N ALA F 100 -3.57 -31.97 -5.56
CA ALA F 100 -3.75 -30.56 -5.85
C ALA F 100 -5.12 -30.28 -6.45
N VAL F 101 -5.60 -31.17 -7.31
CA VAL F 101 -6.94 -31.00 -7.87
C VAL F 101 -7.99 -31.13 -6.78
N ARG F 102 -7.81 -32.07 -5.85
CA ARG F 102 -8.75 -32.21 -4.74
C ARG F 102 -8.74 -30.97 -3.85
N LEU F 103 -7.57 -30.36 -3.68
CA LEU F 103 -7.46 -29.18 -2.82
C LEU F 103 -8.02 -27.93 -3.48
N LEU F 104 -7.89 -27.80 -4.79
CA LEU F 104 -8.25 -26.55 -5.46
C LEU F 104 -9.68 -26.53 -5.98
N LEU F 105 -10.11 -27.58 -6.62
CA LEU F 105 -11.42 -27.49 -7.26
C LEU F 105 -12.53 -27.79 -6.26
N PRO F 106 -13.65 -27.08 -6.33
CA PRO F 106 -14.78 -27.39 -5.46
C PRO F 106 -15.40 -28.74 -5.80
N GLY F 107 -16.29 -29.19 -4.93
CA GLY F 107 -16.67 -30.58 -4.79
C GLY F 107 -16.89 -31.40 -6.05
N GLU F 108 -17.94 -31.09 -6.82
CA GLU F 108 -18.24 -31.92 -7.98
C GLU F 108 -17.23 -31.69 -9.10
N LEU F 109 -16.70 -30.48 -9.22
CA LEU F 109 -15.62 -30.23 -10.16
C LEU F 109 -14.41 -31.09 -9.85
N ALA F 110 -14.04 -31.15 -8.56
CA ALA F 110 -12.92 -31.99 -8.16
C ALA F 110 -13.19 -33.45 -8.42
N LYS F 111 -14.41 -33.91 -8.15
CA LYS F 111 -14.76 -35.31 -8.39
CA LYS F 111 -14.76 -35.31 -8.39
C LYS F 111 -14.60 -35.67 -9.86
N HIS F 112 -15.20 -34.88 -10.73
CA HIS F 112 -15.14 -35.21 -12.15
C HIS F 112 -13.74 -35.01 -12.72
N ALA F 113 -12.98 -34.03 -12.23
CA ALA F 113 -11.63 -33.84 -12.73
C ALA F 113 -10.71 -34.97 -12.31
N VAL F 114 -10.87 -35.48 -11.08
CA VAL F 114 -10.11 -36.65 -10.66
C VAL F 114 -10.49 -37.86 -11.51
N SER F 115 -11.78 -38.03 -11.79
CA SER F 115 -12.20 -39.14 -12.65
C SER F 115 -11.57 -39.04 -14.04
N GLU F 116 -11.59 -37.84 -14.62
CA GLU F 116 -11.02 -37.65 -15.96
C GLU F 116 -9.52 -37.90 -15.96
N GLY F 117 -8.80 -37.38 -14.97
CA GLY F 117 -7.36 -37.58 -14.93
C GLY F 117 -6.99 -39.04 -14.74
N THR F 118 -7.68 -39.73 -13.84
CA THR F 118 -7.42 -41.15 -13.63
C THR F 118 -7.69 -41.95 -14.90
N LYS F 119 -8.81 -41.66 -15.58
CA LYS F 119 -9.11 -42.36 -16.82
C LYS F 119 -8.04 -42.11 -17.86
N ALA F 120 -7.58 -40.87 -17.99
CA ALA F 120 -6.55 -40.56 -18.98
C ALA F 120 -5.25 -41.29 -18.67
N VAL F 121 -4.85 -41.32 -17.39
CA VAL F 121 -3.60 -41.99 -17.05
C VAL F 121 -3.69 -43.49 -17.29
N THR F 122 -4.81 -44.12 -16.94
CA THR F 122 -4.94 -45.55 -17.17
C THR F 122 -5.00 -45.86 -18.67
N LYS F 123 -5.65 -44.99 -19.44
CA LYS F 123 -5.71 -45.18 -20.89
C LYS F 123 -4.35 -44.98 -21.54
N TYR F 124 -3.54 -44.08 -20.99
CA TYR F 124 -2.21 -43.82 -21.54
C TYR F 124 -1.24 -44.94 -21.20
N THR F 125 -1.29 -45.45 -19.96
CA THR F 125 -0.36 -46.49 -19.54
C THR F 125 -0.70 -47.82 -20.21
N SER F 126 -1.98 -48.08 -20.46
CA SER F 126 -2.45 -49.37 -20.95
C SER F 126 -2.75 -49.34 -22.44
N HIS I 5 29.79 23.50 10.43
CA HIS I 5 29.87 23.06 9.05
C HIS I 5 30.62 24.08 8.19
N HIS I 6 31.22 23.60 7.11
CA HIS I 6 32.02 24.36 6.14
C HIS I 6 33.34 24.86 6.71
N HIS I 7 33.60 24.65 8.00
CA HIS I 7 34.90 24.94 8.59
C HIS I 7 35.50 23.74 9.31
N MET I 8 34.69 22.97 10.04
CA MET I 8 35.14 21.79 10.75
C MET I 8 33.92 20.98 11.19
N MET I 9 33.92 19.68 10.91
CA MET I 9 32.79 18.83 11.27
C MET I 9 33.29 17.55 11.92
N GLN I 10 32.42 16.93 12.70
CA GLN I 10 32.75 15.74 13.48
C GLN I 10 31.87 14.60 13.00
N ILE I 11 32.50 13.54 12.49
CA ILE I 11 31.78 12.42 11.89
C ILE I 11 32.13 11.14 12.65
N PHE I 12 31.35 10.11 12.38
CA PHE I 12 31.51 8.80 13.00
C PHE I 12 31.77 7.75 11.94
N VAL I 13 32.54 6.73 12.31
CA VAL I 13 32.83 5.59 11.45
C VAL I 13 32.55 4.33 12.26
N LYS I 14 31.69 3.46 11.74
CA LYS I 14 31.29 2.25 12.44
C LYS I 14 32.09 1.06 11.90
N THR I 15 32.62 0.26 12.82
CA THR I 15 33.44 -0.90 12.50
C THR I 15 32.63 -2.17 12.79
N LEU I 16 33.03 -3.27 12.16
CA LEU I 16 32.33 -4.54 12.34
C LEU I 16 32.31 -4.99 13.79
N THR I 17 33.25 -4.51 14.61
CA THR I 17 33.24 -4.84 16.03
C THR I 17 32.11 -4.15 16.79
N GLY I 18 31.40 -3.21 16.16
CA GLY I 18 30.34 -2.48 16.81
C GLY I 18 30.76 -1.17 17.44
N LYS I 19 32.05 -0.86 17.45
CA LYS I 19 32.54 0.37 18.05
C LYS I 19 32.48 1.52 17.05
N THR I 20 32.22 2.72 17.57
CA THR I 20 32.13 3.93 16.77
C THR I 20 33.38 4.78 16.98
N ILE I 21 34.00 5.20 15.88
CA ILE I 21 35.21 5.99 15.90
C ILE I 21 34.84 7.43 15.51
N THR I 22 35.26 8.39 16.32
CA THR I 22 34.92 9.79 16.11
C THR I 22 36.10 10.51 15.45
N LEU I 23 35.84 11.13 14.30
CA LEU I 23 36.87 11.81 13.53
C LEU I 23 36.49 13.27 13.33
N GLU I 24 37.47 14.16 13.53
CA GLU I 24 37.33 15.58 13.24
C GLU I 24 37.90 15.82 11.85
N VAL I 25 37.02 15.91 10.85
CA VAL I 25 37.42 15.95 9.45
C VAL I 25 36.94 17.25 8.83
N GLU I 26 37.78 17.84 7.99
CA GLU I 26 37.38 18.99 7.20
C GLU I 26 36.32 18.59 6.18
N PRO I 27 35.37 19.48 5.88
CA PRO I 27 34.40 19.17 4.82
C PRO I 27 35.05 18.92 3.47
N SER I 28 36.19 19.53 3.19
CA SER I 28 36.89 19.33 1.93
C SER I 28 37.93 18.21 1.99
N ASP I 29 38.00 17.49 3.09
CA ASP I 29 38.96 16.40 3.21
C ASP I 29 38.67 15.32 2.18
N THR I 30 39.73 14.73 1.64
CA THR I 30 39.59 13.61 0.73
C THR I 30 39.51 12.30 1.50
N ILE I 31 39.03 11.26 0.82
CA ILE I 31 38.90 9.96 1.45
C ILE I 31 40.26 9.41 1.87
N GLU I 32 41.32 9.80 1.14
CA GLU I 32 42.67 9.45 1.57
C GLU I 32 43.01 10.09 2.91
N ASN I 33 42.61 11.35 3.09
CA ASN I 33 42.85 12.02 4.38
C ASN I 33 42.06 11.37 5.50
N VAL I 34 40.82 10.97 5.22
CA VAL I 34 40.01 10.28 6.24
C VAL I 34 40.64 8.94 6.60
N LYS I 35 41.13 8.21 5.60
CA LYS I 35 41.83 6.96 5.87
C LYS I 35 43.08 7.19 6.70
N ALA I 36 43.81 8.27 6.41
CA ALA I 36 44.98 8.62 7.21
C ALA I 36 44.59 8.92 8.65
N LYS I 37 43.48 9.63 8.85
CA LYS I 37 43.02 9.92 10.21
C LYS I 37 42.62 8.64 10.94
N ILE I 38 41.96 7.71 10.26
CA ILE I 38 41.63 6.43 10.88
C ILE I 38 42.90 5.67 11.22
N GLN I 39 43.91 5.76 10.36
CA GLN I 39 45.19 5.12 10.65
C GLN I 39 45.83 5.73 11.90
N ASP I 40 45.78 7.06 12.02
CA ASP I 40 46.34 7.71 13.21
C ASP I 40 45.58 7.29 14.46
N LYS I 41 44.26 7.19 14.38
CA LYS I 41 43.44 6.88 15.55
C LYS I 41 43.54 5.42 15.96
N GLU I 42 43.65 4.49 15.01
CA GLU I 42 43.53 3.07 15.31
C GLU I 42 44.72 2.25 14.84
N GLY I 43 45.58 2.78 13.98
CA GLY I 43 46.74 2.05 13.52
C GLY I 43 46.50 1.18 12.30
N ILE I 44 45.29 1.18 11.74
CA ILE I 44 44.97 0.37 10.58
C ILE I 44 45.58 1.01 9.34
N PRO I 45 46.38 0.28 8.56
CA PRO I 45 46.94 0.85 7.33
C PRO I 45 45.85 1.20 6.34
N PRO I 46 46.01 2.28 5.59
CA PRO I 46 44.95 2.70 4.66
C PRO I 46 44.63 1.68 3.58
N ASP I 47 45.60 0.83 3.20
CA ASP I 47 45.37 -0.13 2.14
C ASP I 47 44.33 -1.16 2.53
N GLN I 48 44.17 -1.43 3.83
CA GLN I 48 43.22 -2.43 4.30
C GLN I 48 41.82 -1.86 4.52
N GLN I 49 41.60 -0.57 4.29
CA GLN I 49 40.36 0.09 4.66
C GLN I 49 39.49 0.32 3.44
N ARG I 50 38.19 0.08 3.60
CA ARG I 50 37.18 0.45 2.60
C ARG I 50 36.05 1.17 3.31
N LEU I 51 35.64 2.32 2.78
CA LEU I 51 34.65 3.17 3.41
C LEU I 51 33.33 3.07 2.66
N ILE I 52 32.24 2.91 3.40
CA ILE I 52 30.91 2.74 2.85
C ILE I 52 30.04 3.90 3.34
N PHE I 53 29.38 4.58 2.42
CA PHE I 53 28.40 5.59 2.77
C PHE I 53 27.18 5.44 1.87
N ALA I 54 26.00 5.35 2.48
CA ALA I 54 24.74 5.28 1.73
C ALA I 54 24.73 4.11 0.75
N GLY I 55 25.25 2.97 1.18
CA GLY I 55 25.28 1.81 0.32
C GLY I 55 26.17 1.96 -0.89
N LYS I 56 27.17 2.83 -0.81
CA LYS I 56 28.18 2.98 -1.86
C LYS I 56 29.55 2.94 -1.22
N GLN I 57 30.54 2.49 -2.00
CA GLN I 57 31.93 2.56 -1.57
C GLN I 57 32.51 3.92 -1.97
N LEU I 58 33.38 4.45 -1.12
CA LEU I 58 33.96 5.77 -1.35
C LEU I 58 35.31 5.63 -2.05
N GLU I 59 35.49 6.37 -3.13
CA GLU I 59 36.74 6.35 -3.87
C GLU I 59 37.73 7.33 -3.26
N ASP I 60 39.02 7.00 -3.40
CA ASP I 60 40.06 7.81 -2.77
C ASP I 60 40.16 9.20 -3.39
N GLY I 61 39.96 9.30 -4.71
CA GLY I 61 40.12 10.58 -5.37
C GLY I 61 39.10 11.62 -4.95
N ARG I 62 37.83 11.23 -4.87
CA ARG I 62 36.76 12.17 -4.60
C ARG I 62 36.73 12.56 -3.12
N THR I 63 36.44 13.83 -2.85
CA THR I 63 36.47 14.37 -1.51
C THR I 63 35.16 14.13 -0.78
N LEU I 64 35.16 14.43 0.52
CA LEU I 64 33.97 14.21 1.34
C LEU I 64 32.80 15.07 0.88
N SER I 65 33.06 16.36 0.60
CA SER I 65 31.97 17.28 0.27
C SER I 65 31.27 16.89 -1.02
N ASP I 66 31.98 16.29 -1.97
CA ASP I 66 31.36 15.90 -3.23
C ASP I 66 30.54 14.62 -3.08
N TYR I 67 30.72 13.88 -1.99
CA TYR I 67 29.85 12.76 -1.65
C TYR I 67 28.64 13.19 -0.82
N ASN I 68 28.55 14.48 -0.49
CA ASN I 68 27.43 15.03 0.28
C ASN I 68 27.35 14.37 1.66
N ILE I 69 28.47 14.43 2.38
CA ILE I 69 28.56 13.92 3.75
C ILE I 69 28.57 15.13 4.68
N GLN I 70 27.54 15.23 5.52
CA GLN I 70 27.38 16.37 6.40
C GLN I 70 28.07 16.08 7.72
N LYS I 71 27.87 16.94 8.71
CA LYS I 71 28.45 16.70 10.03
C LYS I 71 27.65 15.66 10.78
N GLU I 72 28.30 14.98 11.73
CA GLU I 72 27.70 13.92 12.58
C GLU I 72 27.02 12.79 11.82
N SER I 73 27.53 12.49 10.64
CA SER I 73 26.98 11.46 9.77
C SER I 73 27.89 10.24 9.79
N THR I 74 27.29 9.06 9.74
CA THR I 74 28.02 7.82 10.00
C THR I 74 28.47 7.16 8.70
N LEU I 75 29.75 6.79 8.67
CA LEU I 75 30.35 5.96 7.63
C LEU I 75 30.51 4.54 8.16
N HIS I 76 30.88 3.63 7.27
CA HIS I 76 31.20 2.27 7.66
C HIS I 76 32.60 1.91 7.19
N LEU I 77 33.36 1.26 8.06
CA LEU I 77 34.71 0.82 7.72
C LEU I 77 34.75 -0.70 7.66
N VAL I 78 35.22 -1.24 6.54
CA VAL I 78 35.39 -2.67 6.37
C VAL I 78 36.83 -2.95 5.99
N LEU I 79 37.40 -3.99 6.60
CA LEU I 79 38.78 -4.37 6.31
C LEU I 79 38.82 -5.10 4.99
N ARG I 80 39.69 -4.63 4.08
CA ARG I 80 39.84 -5.28 2.79
C ARG I 80 40.98 -6.28 2.78
N LEU I 81 42.02 -6.06 3.58
CA LEU I 81 43.13 -6.98 3.71
C LEU I 81 43.25 -7.41 5.17
N ARG I 82 43.23 -8.73 5.39
CA ARG I 82 43.43 -9.33 6.71
C ARG I 82 42.41 -8.80 7.73
N GLY I 83 41.14 -9.11 7.46
CA GLY I 83 40.08 -8.77 8.38
C GLY I 83 39.88 -9.82 9.47
N GLY I 84 39.00 -9.49 10.42
CA GLY I 84 38.72 -10.37 11.54
C GLY I 84 39.74 -10.30 12.65
N ALA J 17 -11.43 31.94 -13.71
CA ALA J 17 -10.39 32.82 -14.22
C ALA J 17 -10.26 32.68 -15.74
N VAL J 18 -9.06 32.31 -16.18
CA VAL J 18 -8.79 32.06 -17.60
C VAL J 18 -8.44 30.58 -17.75
N LYS J 19 -8.98 29.96 -18.79
CA LYS J 19 -8.82 28.52 -18.96
C LYS J 19 -7.39 28.18 -19.38
N ARG J 20 -6.94 27.01 -18.93
CA ARG J 20 -5.57 26.56 -19.10
C ARG J 20 -5.58 25.18 -19.75
N ASN J 21 -4.44 24.78 -20.31
CA ASN J 21 -4.34 23.45 -20.87
C ASN J 21 -4.09 22.42 -19.76
N HIS J 22 -3.93 21.17 -20.15
CA HIS J 22 -3.84 20.10 -19.17
C HIS J 22 -2.54 20.13 -18.37
N ARG J 23 -1.58 20.95 -18.78
CA ARG J 23 -0.34 21.07 -18.03
C ARG J 23 -0.36 22.28 -17.14
N GLY J 24 -1.46 23.04 -17.15
CA GLY J 24 -1.59 24.22 -16.34
C GLY J 24 -1.07 25.49 -16.97
N GLU J 25 -0.60 25.44 -18.21
CA GLU J 25 0.00 26.59 -18.85
C GLU J 25 -1.08 27.57 -19.31
N THR J 26 -1.00 28.80 -18.81
CA THR J 26 -1.87 29.87 -19.28
C THR J 26 -1.44 30.29 -20.68
N LEU J 27 -2.29 31.07 -21.35
CA LEU J 27 -1.93 31.60 -22.67
C LEU J 27 -0.62 32.38 -22.60
N LEU J 28 -0.39 33.10 -21.50
CA LEU J 28 0.88 33.79 -21.32
C LEU J 28 2.04 32.82 -21.23
N HIS J 29 1.84 31.67 -20.58
CA HIS J 29 2.86 30.63 -20.57
C HIS J 29 3.26 30.25 -22.00
N ILE J 30 2.29 29.74 -22.76
CA ILE J 30 2.56 29.26 -24.11
C ILE J 30 3.19 30.36 -24.96
N ALA J 31 2.75 31.60 -24.78
CA ALA J 31 3.38 32.71 -25.49
C ALA J 31 4.84 32.85 -25.09
N SER J 32 5.15 32.68 -23.79
CA SER J 32 6.52 32.80 -23.34
C SER J 32 7.41 31.71 -23.90
N ILE J 33 6.94 30.46 -23.89
CA ILE J 33 7.73 29.38 -24.50
C ILE J 33 7.92 29.64 -26.00
N LYS J 34 6.85 30.02 -26.69
CA LYS J 34 6.95 30.25 -28.13
C LYS J 34 7.68 31.55 -28.45
N GLY J 35 7.85 32.44 -27.49
CA GLY J 35 8.55 33.68 -27.74
C GLY J 35 7.77 34.69 -28.54
N ASP J 36 6.45 34.57 -28.58
CA ASP J 36 5.63 35.48 -29.38
C ASP J 36 5.56 36.86 -28.74
N ILE J 37 6.43 37.76 -29.19
CA ILE J 37 6.51 39.09 -28.58
C ILE J 37 5.20 39.87 -28.70
N PRO J 38 4.57 39.99 -29.89
CA PRO J 38 3.28 40.68 -29.94
C PRO J 38 2.22 40.02 -29.08
N SER J 39 2.23 38.68 -29.00
CA SER J 39 1.26 37.99 -28.19
C SER J 39 1.43 38.31 -26.71
N VAL J 40 2.67 38.30 -26.22
CA VAL J 40 2.89 38.58 -24.81
C VAL J 40 2.53 40.03 -24.50
N GLU J 41 2.86 40.96 -25.42
CA GLU J 41 2.52 42.36 -25.16
C GLU J 41 1.01 42.55 -25.14
N TYR J 42 0.31 41.98 -26.13
CA TYR J 42 -1.14 42.12 -26.20
C TYR J 42 -1.81 41.50 -24.98
N LEU J 43 -1.35 40.32 -24.56
CA LEU J 43 -1.92 39.70 -23.37
C LEU J 43 -1.67 40.54 -22.13
N LEU J 44 -0.45 41.06 -21.98
CA LEU J 44 -0.13 41.86 -20.80
C LEU J 44 -0.99 43.11 -20.72
N GLN J 45 -1.18 43.80 -21.85
CA GLN J 45 -2.04 44.98 -21.82
C GLN J 45 -3.51 44.65 -21.60
N ASN J 46 -3.90 43.39 -21.77
CA ASN J 46 -5.30 42.99 -21.61
C ASN J 46 -5.67 42.65 -20.17
N GLY J 47 -4.73 42.74 -19.24
CA GLY J 47 -4.98 42.37 -17.86
C GLY J 47 -4.56 40.98 -17.47
N SER J 48 -3.83 40.27 -18.34
N SER J 48 -3.83 40.27 -18.34
CA SER J 48 -3.38 38.93 -18.01
CA SER J 48 -3.37 38.93 -18.01
C SER J 48 -2.36 38.98 -16.87
C SER J 48 -2.36 38.98 -16.87
N ASP J 49 -2.57 38.15 -15.86
CA ASP J 49 -1.67 38.12 -14.71
C ASP J 49 -0.34 37.51 -15.11
N PRO J 50 0.79 38.22 -14.94
CA PRO J 50 2.08 37.59 -15.19
C PRO J 50 2.51 36.66 -14.08
N ASN J 51 1.95 36.81 -12.88
CA ASN J 51 2.32 35.99 -11.74
C ASN J 51 1.37 34.81 -11.57
N VAL J 52 1.26 34.01 -12.63
CA VAL J 52 0.49 32.79 -12.61
C VAL J 52 1.45 31.61 -12.68
N LYS J 53 1.02 30.49 -12.13
CA LYS J 53 1.84 29.29 -12.05
C LYS J 53 1.12 28.13 -12.72
N ASP J 54 1.87 27.31 -13.45
CA ASP J 54 1.31 26.12 -14.04
C ASP J 54 1.30 25.00 -13.00
N HIS J 55 1.01 23.77 -13.42
CA HIS J 55 0.83 22.68 -12.47
C HIS J 55 2.14 22.28 -11.80
N ALA J 56 3.28 22.57 -12.41
CA ALA J 56 4.56 22.23 -11.80
C ALA J 56 5.15 23.37 -10.97
N GLY J 57 4.70 24.59 -11.19
CA GLY J 57 5.17 25.74 -10.44
C GLY J 57 5.77 26.84 -11.29
N TRP J 58 6.01 26.60 -12.58
CA TRP J 58 6.67 27.58 -13.42
C TRP J 58 5.77 28.78 -13.69
N THR J 59 6.37 29.95 -13.67
CA THR J 59 5.76 31.19 -14.11
C THR J 59 6.20 31.48 -15.54
N PRO J 60 5.54 32.42 -16.23
CA PRO J 60 6.02 32.82 -17.56
C PRO J 60 7.46 33.29 -17.56
N LEU J 61 7.91 33.93 -16.47
CA LEU J 61 9.29 34.34 -16.36
C LEU J 61 10.24 33.15 -16.40
N HIS J 62 9.87 32.05 -15.73
CA HIS J 62 10.69 30.85 -15.78
C HIS J 62 10.85 30.34 -17.20
N GLU J 63 9.76 30.31 -17.95
CA GLU J 63 9.82 29.80 -19.32
C GLU J 63 10.63 30.75 -20.21
N ALA J 64 10.47 32.05 -20.02
CA ALA J 64 11.24 33.01 -20.81
C ALA J 64 12.74 32.89 -20.51
N CYS J 65 13.10 32.73 -19.24
CA CYS J 65 14.51 32.63 -18.88
C CYS J 65 15.12 31.31 -19.35
N ASN J 66 14.35 30.22 -19.27
CA ASN J 66 14.91 28.91 -19.58
C ASN J 66 15.23 28.78 -21.08
N HIS J 67 14.53 29.52 -21.94
CA HIS J 67 14.74 29.41 -23.37
C HIS J 67 15.63 30.49 -23.95
N GLY J 68 15.65 31.68 -23.35
CA GLY J 68 16.52 32.73 -23.83
C GLY J 68 15.84 33.82 -24.63
N HIS J 69 14.67 34.28 -24.17
CA HIS J 69 13.93 35.35 -24.82
C HIS J 69 14.11 36.62 -23.99
N LEU J 70 15.09 37.44 -24.37
CA LEU J 70 15.40 38.64 -23.60
C LEU J 70 14.27 39.64 -23.62
N LYS J 71 13.70 39.89 -24.80
CA LYS J 71 12.66 40.90 -24.92
C LYS J 71 11.43 40.49 -24.12
N VAL J 72 11.08 39.20 -24.17
CA VAL J 72 9.97 38.68 -23.38
C VAL J 72 10.22 38.90 -21.90
N VAL J 73 11.46 38.64 -21.45
CA VAL J 73 11.81 38.87 -20.05
C VAL J 73 11.65 40.34 -19.69
N GLU J 74 12.06 41.24 -20.57
CA GLU J 74 11.95 42.67 -20.26
C GLU J 74 10.49 43.09 -20.16
N LEU J 75 9.64 42.67 -21.10
CA LEU J 75 8.22 42.99 -21.00
C LEU J 75 7.60 42.40 -19.74
N LEU J 76 7.94 41.15 -19.42
CA LEU J 76 7.38 40.53 -18.23
C LEU J 76 7.76 41.29 -16.96
N LEU J 77 9.07 41.54 -16.78
CA LEU J 77 9.53 42.28 -15.62
C LEU J 77 8.98 43.70 -15.58
N GLN J 78 8.65 44.27 -16.74
CA GLN J 78 7.99 45.57 -16.75
C GLN J 78 6.63 45.51 -16.07
N HIS J 79 5.88 44.43 -16.31
CA HIS J 79 4.50 44.33 -15.82
C HIS J 79 4.43 43.63 -14.46
N LYS J 80 5.22 44.12 -13.51
CA LYS J 80 5.15 43.69 -12.10
C LYS J 80 5.26 42.18 -11.95
N ALA J 81 6.16 41.57 -12.72
CA ALA J 81 6.40 40.14 -12.61
C ALA J 81 7.44 39.90 -11.52
N LEU J 82 7.04 39.19 -10.47
CA LEU J 82 7.97 38.89 -9.39
C LEU J 82 9.15 38.07 -9.91
N VAL J 83 10.34 38.45 -9.47
CA VAL J 83 11.56 37.85 -10.00
C VAL J 83 12.17 36.82 -9.06
N ASN J 84 11.78 36.81 -7.80
CA ASN J 84 12.30 35.86 -6.83
C ASN J 84 11.38 34.66 -6.61
N THR J 85 10.25 34.61 -7.30
CA THR J 85 9.29 33.53 -7.09
C THR J 85 9.90 32.19 -7.47
N THR J 86 9.67 31.19 -6.63
CA THR J 86 10.23 29.85 -6.83
C THR J 86 9.29 28.97 -7.65
N GLY J 87 9.88 28.18 -8.53
CA GLY J 87 9.15 27.25 -9.38
C GLY J 87 9.24 25.83 -8.87
N TYR J 88 9.29 24.88 -9.80
CA TYR J 88 9.39 23.47 -9.44
C TYR J 88 10.75 23.17 -8.84
N GLN J 89 10.75 22.40 -7.75
CA GLN J 89 11.96 22.12 -6.97
C GLN J 89 12.58 23.40 -6.44
N ASN J 90 11.76 24.44 -6.28
CA ASN J 90 12.18 25.74 -5.76
C ASN J 90 13.23 26.41 -6.63
N ASP J 91 13.26 26.08 -7.91
CA ASP J 91 14.09 26.84 -8.84
C ASP J 91 13.59 28.27 -8.95
N SER J 92 14.51 29.20 -9.06
CA SER J 92 14.23 30.60 -9.25
C SER J 92 14.52 30.98 -10.70
N PRO J 93 14.01 32.12 -11.17
CA PRO J 93 14.37 32.56 -12.53
C PRO J 93 15.86 32.67 -12.74
N LEU J 94 16.63 33.13 -11.74
CA LEU J 94 18.08 33.14 -11.88
C LEU J 94 18.65 31.74 -12.03
N HIS J 95 18.05 30.75 -11.38
CA HIS J 95 18.50 29.38 -11.55
C HIS J 95 18.38 28.95 -13.00
N ASP J 96 17.24 29.25 -13.62
CA ASP J 96 17.04 28.90 -15.02
C ASP J 96 17.99 29.66 -15.93
N ALA J 97 18.17 30.96 -15.66
CA ALA J 97 19.06 31.77 -16.51
C ALA J 97 20.50 31.28 -16.43
N ALA J 98 20.98 30.97 -15.22
CA ALA J 98 22.36 30.54 -15.07
C ALA J 98 22.57 29.12 -15.57
N LYS J 99 21.58 28.25 -15.38
CA LYS J 99 21.75 26.85 -15.74
C LYS J 99 21.85 26.67 -17.24
N ASN J 100 21.15 27.50 -18.02
CA ASN J 100 21.20 27.44 -19.47
C ASN J 100 22.24 28.37 -20.07
N GLY J 101 22.91 29.18 -19.25
CA GLY J 101 23.99 30.02 -19.74
C GLY J 101 23.55 31.19 -20.59
N HIS J 102 22.62 32.00 -20.06
CA HIS J 102 22.14 33.20 -20.75
C HIS J 102 22.60 34.41 -19.93
N VAL J 103 23.70 35.02 -20.36
CA VAL J 103 24.34 36.07 -19.58
C VAL J 103 23.47 37.32 -19.52
N ASP J 104 22.86 37.70 -20.65
CA ASP J 104 22.06 38.92 -20.68
C ASP J 104 20.83 38.81 -19.78
N ILE J 105 20.20 37.63 -19.75
CA ILE J 105 19.07 37.41 -18.84
C ILE J 105 19.53 37.55 -17.40
N VAL J 106 20.72 37.05 -17.08
CA VAL J 106 21.25 37.18 -15.73
C VAL J 106 21.46 38.64 -15.38
N LYS J 107 22.03 39.42 -16.31
CA LYS J 107 22.24 40.84 -16.08
C LYS J 107 20.91 41.54 -15.81
N LEU J 108 19.89 41.24 -16.62
CA LEU J 108 18.59 41.86 -16.43
C LEU J 108 17.98 41.49 -15.09
N LEU J 109 18.05 40.20 -14.72
CA LEU J 109 17.43 39.74 -13.49
C LEU J 109 18.12 40.36 -12.27
N LEU J 110 19.46 40.45 -12.29
CA LEU J 110 20.13 41.15 -11.20
C LEU J 110 19.79 42.63 -11.18
N SER J 111 19.67 43.26 -12.36
CA SER J 111 19.29 44.66 -12.40
C SER J 111 17.89 44.89 -11.85
N TYR J 112 17.04 43.86 -11.89
CA TYR J 112 15.68 43.95 -11.38
C TYR J 112 15.53 43.39 -9.98
N GLY J 113 16.62 43.07 -9.30
CA GLY J 113 16.58 42.76 -7.88
C GLY J 113 16.46 41.30 -7.53
N ALA J 114 16.69 40.39 -8.47
CA ALA J 114 16.63 38.97 -8.16
C ALA J 114 17.80 38.59 -7.25
N SER J 115 17.51 37.84 -6.19
CA SER J 115 18.53 37.47 -5.23
C SER J 115 19.48 36.44 -5.81
N ARG J 116 20.78 36.70 -5.66
CA ARG J 116 21.81 35.79 -6.13
C ARG J 116 22.15 34.71 -5.10
N ASN J 117 21.61 34.80 -3.89
CA ASN J 117 21.92 33.88 -2.81
C ASN J 117 20.75 32.96 -2.46
N ALA J 118 19.68 32.97 -3.25
CA ALA J 118 18.58 32.05 -3.02
C ALA J 118 18.98 30.63 -3.40
N VAL J 119 18.28 29.66 -2.82
CA VAL J 119 18.59 28.25 -3.02
C VAL J 119 17.30 27.50 -3.33
N ASN J 120 17.45 26.36 -4.00
CA ASN J 120 16.34 25.45 -4.24
C ASN J 120 16.30 24.40 -3.13
N ILE J 121 15.50 23.35 -3.30
CA ILE J 121 15.36 22.35 -2.25
C ILE J 121 16.67 21.61 -2.00
N PHE J 122 17.53 21.54 -3.01
CA PHE J 122 18.81 20.85 -2.84
C PHE J 122 19.87 21.75 -2.21
N GLY J 123 19.52 22.99 -1.87
CA GLY J 123 20.50 23.90 -1.31
C GLY J 123 21.61 24.24 -2.25
N LEU J 124 21.28 24.49 -3.52
CA LEU J 124 22.26 24.85 -4.53
C LEU J 124 21.91 26.22 -5.10
N ARG J 125 22.86 27.14 -5.02
CA ARG J 125 22.69 28.46 -5.58
C ARG J 125 22.85 28.40 -7.11
N PRO J 126 22.39 29.43 -7.83
CA PRO J 126 22.57 29.42 -9.29
C PRO J 126 24.02 29.23 -9.71
N VAL J 127 24.97 29.76 -8.93
CA VAL J 127 26.38 29.61 -9.24
C VAL J 127 26.76 28.15 -9.37
N ASP J 128 26.22 27.30 -8.49
CA ASP J 128 26.53 25.88 -8.50
C ASP J 128 26.01 25.17 -9.74
N TYR J 129 25.13 25.80 -10.52
CA TYR J 129 24.57 25.18 -11.73
C TYR J 129 25.32 25.59 -12.99
N THR J 130 26.39 26.34 -12.89
CA THR J 130 27.13 26.79 -14.06
C THR J 130 28.63 26.65 -13.81
N ASP J 131 29.40 26.91 -14.88
CA ASP J 131 30.85 26.90 -14.78
C ASP J 131 31.51 28.02 -15.60
N ASP J 132 30.75 28.90 -16.23
CA ASP J 132 31.32 29.96 -17.05
C ASP J 132 31.86 31.05 -16.14
N GLU J 133 33.11 31.47 -16.39
CA GLU J 133 33.79 32.37 -15.47
C GLU J 133 33.12 33.74 -15.41
N SER J 134 32.73 34.29 -16.57
CA SER J 134 32.18 35.64 -16.59
C SER J 134 30.87 35.71 -15.84
N MET J 135 29.92 34.83 -16.18
CA MET J 135 28.64 34.85 -15.51
C MET J 135 28.76 34.39 -14.06
N LYS J 136 29.75 33.56 -13.75
CA LYS J 136 30.05 33.27 -12.36
C LYS J 136 30.43 34.53 -11.59
N SER J 137 31.28 35.37 -12.20
CA SER J 137 31.67 36.62 -11.56
C SER J 137 30.47 37.55 -11.40
N LEU J 138 29.59 37.60 -12.41
CA LEU J 138 28.37 38.40 -12.27
C LEU J 138 27.48 37.87 -11.14
N LEU J 139 27.38 36.55 -11.00
CA LEU J 139 26.56 35.98 -9.93
C LEU J 139 27.22 36.15 -8.57
N LEU J 140 28.55 36.17 -8.54
CA LEU J 140 29.26 36.35 -7.27
C LEU J 140 29.11 37.77 -6.75
N LEU J 141 29.23 37.92 -5.45
CA LEU J 141 29.15 39.23 -4.81
C LEU J 141 30.33 40.09 -5.27
N PRO J 142 30.09 41.27 -5.86
CA PRO J 142 31.15 42.18 -6.29
C PRO J 142 31.44 43.25 -5.25
N GLY J 164 -11.73 36.94 -7.80
CA GLY J 164 -11.65 36.14 -6.59
C GLY J 164 -12.72 36.48 -5.57
N PRO J 165 -13.70 35.59 -5.41
CA PRO J 165 -14.75 35.82 -4.40
C PRO J 165 -14.17 35.81 -3.00
N LEU J 166 -14.84 36.56 -2.11
CA LEU J 166 -14.41 36.69 -0.73
C LEU J 166 -15.09 35.59 0.10
N VAL J 167 -14.32 34.58 0.49
CA VAL J 167 -14.83 33.46 1.27
C VAL J 167 -14.58 33.74 2.74
N LEU J 168 -15.62 33.60 3.57
CA LEU J 168 -15.55 33.96 4.97
C LEU J 168 -15.72 32.73 5.84
N ILE J 169 -15.14 32.80 7.05
CA ILE J 169 -15.21 31.71 8.02
C ILE J 169 -14.79 32.29 9.36
N GLY J 170 -15.25 31.65 10.45
CA GLY J 170 -14.99 32.14 11.78
C GLY J 170 -14.39 31.08 12.67
N SER J 171 -13.82 31.53 13.78
CA SER J 171 -13.11 30.68 14.73
C SER J 171 -13.76 30.83 16.10
N GLY J 172 -14.60 29.86 16.47
CA GLY J 172 -15.17 29.82 17.81
C GLY J 172 -16.05 31.00 18.16
N LEU J 173 -16.84 31.48 17.20
CA LEU J 173 -17.73 32.59 17.46
C LEU J 173 -19.05 32.11 18.05
N SER J 174 -19.64 32.96 18.88
CA SER J 174 -20.87 32.63 19.58
C SER J 174 -22.07 32.89 18.67
N SER J 175 -23.28 32.84 19.24
CA SER J 175 -24.49 32.89 18.44
C SER J 175 -24.64 34.22 17.72
N GLU J 176 -24.54 35.34 18.46
CA GLU J 176 -24.74 36.64 17.84
C GLU J 176 -23.66 36.94 16.81
N GLN J 177 -22.41 36.61 17.14
CA GLN J 177 -21.31 36.82 16.19
C GLN J 177 -21.50 35.98 14.93
N GLN J 178 -21.85 34.70 15.09
CA GLN J 178 -22.05 33.85 13.92
C GLN J 178 -23.20 34.37 13.05
N LYS J 179 -24.30 34.77 13.68
CA LYS J 179 -25.43 35.30 12.92
C LYS J 179 -25.06 36.60 12.22
N MET J 180 -24.23 37.43 12.84
CA MET J 180 -23.89 38.71 12.23
C MET J 180 -22.88 38.55 11.09
N LEU J 181 -21.94 37.61 11.20
CA LEU J 181 -21.15 37.26 10.02
C LEU J 181 -22.02 36.65 8.92
N SER J 182 -23.03 35.85 9.29
CA SER J 182 -23.93 35.32 8.27
C SER J 182 -24.71 36.41 7.57
N GLU J 183 -25.18 37.42 8.31
CA GLU J 183 -25.90 38.52 7.68
C GLU J 183 -24.98 39.35 6.81
N LEU J 184 -23.73 39.56 7.24
CA LEU J 184 -22.77 40.23 6.35
C LEU J 184 -22.54 39.41 5.08
N ALA J 185 -22.47 38.08 5.22
CA ALA J 185 -22.31 37.23 4.04
C ALA J 185 -23.49 37.37 3.09
N VAL J 186 -24.71 37.40 3.63
CA VAL J 186 -25.89 37.48 2.77
C VAL J 186 -26.15 38.87 2.25
N ILE J 187 -25.47 39.90 2.77
CA ILE J 187 -25.59 41.22 2.18
C ILE J 187 -24.46 41.53 1.20
N LEU J 188 -23.29 40.92 1.37
CA LEU J 188 -22.20 41.06 0.41
C LEU J 188 -22.20 39.96 -0.66
N LYS J 189 -23.13 39.02 -0.59
CA LYS J 189 -23.18 37.89 -1.52
C LYS J 189 -21.85 37.14 -1.53
N ALA J 190 -21.51 36.60 -0.36
CA ALA J 190 -20.27 35.87 -0.14
C ALA J 190 -20.60 34.52 0.49
N LYS J 191 -19.66 33.59 0.34
CA LYS J 191 -19.83 32.23 0.83
C LYS J 191 -19.16 32.10 2.20
N LYS J 192 -19.94 31.71 3.20
CA LYS J 192 -19.46 31.51 4.56
C LYS J 192 -19.43 30.03 4.88
N TYR J 193 -18.34 29.58 5.49
CA TYR J 193 -18.15 28.19 5.84
C TYR J 193 -18.12 28.00 7.35
N THR J 194 -18.54 26.82 7.79
CA THR J 194 -18.45 26.44 9.19
C THR J 194 -17.27 25.53 9.49
N GLU J 195 -16.82 24.77 8.49
CA GLU J 195 -15.63 23.95 8.61
C GLU J 195 -14.57 24.48 7.65
N PHE J 196 -13.31 24.43 8.08
CA PHE J 196 -12.22 24.97 7.28
C PHE J 196 -11.98 24.11 6.04
N ASP J 197 -11.66 24.77 4.93
CA ASP J 197 -11.31 24.10 3.69
C ASP J 197 -10.34 24.97 2.91
N SER J 198 -9.96 24.52 1.72
CA SER J 198 -8.86 25.14 1.00
C SER J 198 -9.24 26.54 0.49
N THR J 199 -10.41 26.67 -0.15
CA THR J 199 -10.72 27.93 -0.84
C THR J 199 -11.08 29.07 0.11
N VAL J 200 -10.91 28.88 1.42
CA VAL J 200 -11.15 29.96 2.37
C VAL J 200 -10.22 31.12 2.08
N THR J 201 -10.75 32.34 2.20
CA THR J 201 -9.98 33.56 2.00
C THR J 201 -9.92 34.43 3.25
N HIS J 202 -11.03 34.58 3.96
CA HIS J 202 -11.11 35.43 5.14
C HIS J 202 -11.47 34.59 6.35
N VAL J 203 -10.71 34.76 7.44
CA VAL J 203 -10.96 34.07 8.69
C VAL J 203 -11.10 35.12 9.79
N VAL J 204 -12.16 35.04 10.57
CA VAL J 204 -12.51 36.05 11.56
C VAL J 204 -12.26 35.49 12.96
N VAL J 205 -11.50 36.24 13.75
CA VAL J 205 -11.16 35.86 15.13
C VAL J 205 -11.92 36.76 16.08
N PRO J 206 -12.54 36.22 17.14
CA PRO J 206 -13.29 37.08 18.07
C PRO J 206 -12.40 38.04 18.85
N GLY J 207 -11.34 37.52 19.46
CA GLY J 207 -10.44 38.33 20.23
C GLY J 207 -9.52 39.17 19.37
N ASP J 208 -8.64 39.92 20.05
CA ASP J 208 -7.68 40.76 19.34
C ASP J 208 -6.52 39.93 18.80
N ALA J 209 -5.91 39.11 19.66
CA ALA J 209 -4.85 38.23 19.22
C ALA J 209 -5.43 37.05 18.44
N VAL J 210 -4.55 36.36 17.72
CA VAL J 210 -4.96 35.21 16.93
C VAL J 210 -5.19 34.01 17.86
N GLN J 211 -6.33 33.36 17.72
CA GLN J 211 -6.65 32.21 18.55
CA GLN J 211 -6.64 32.21 18.56
C GLN J 211 -5.76 31.03 18.20
N SER J 212 -5.32 30.30 19.21
CA SER J 212 -4.50 29.11 19.01
C SER J 212 -5.35 27.87 18.78
N THR J 213 -6.26 27.96 17.82
CA THR J 213 -7.15 26.87 17.46
C THR J 213 -6.86 26.42 16.04
N LEU J 214 -7.35 25.24 15.69
CA LEU J 214 -7.13 24.69 14.36
C LEU J 214 -7.62 25.63 13.27
N LYS J 215 -8.70 26.37 13.53
CA LYS J 215 -9.26 27.24 12.51
C LYS J 215 -8.25 28.30 12.10
N CYS J 216 -7.72 29.03 13.09
CA CYS J 216 -6.74 30.08 12.81
C CYS J 216 -5.42 29.51 12.32
N MET J 217 -5.01 28.34 12.83
CA MET J 217 -3.76 27.75 12.37
C MET J 217 -3.83 27.37 10.90
N LEU J 218 -4.96 26.77 10.48
CA LEU J 218 -5.15 26.49 9.05
C LEU J 218 -5.20 27.80 8.26
N GLY J 219 -5.87 28.82 8.81
CA GLY J 219 -5.92 30.10 8.12
C GLY J 219 -4.54 30.70 7.88
N ILE J 220 -3.68 30.67 8.90
CA ILE J 220 -2.37 31.28 8.76
C ILE J 220 -1.47 30.45 7.85
N LEU J 221 -1.52 29.11 7.99
CA LEU J 221 -0.69 28.29 7.10
C LEU J 221 -1.04 28.41 5.62
N ASN J 222 -2.33 28.43 5.30
CA ASN J 222 -2.75 28.58 3.91
C ASN J 222 -2.77 30.05 3.47
N GLY J 223 -2.36 30.95 4.36
CA GLY J 223 -2.32 32.36 4.03
C GLY J 223 -3.61 33.15 4.00
N CYS J 224 -4.66 32.64 4.64
CA CYS J 224 -5.94 33.32 4.63
C CYS J 224 -5.89 34.61 5.44
N TRP J 225 -6.84 35.50 5.17
CA TRP J 225 -6.91 36.80 5.83
C TRP J 225 -7.47 36.63 7.24
N ILE J 226 -6.65 36.89 8.25
CA ILE J 226 -7.07 36.80 9.64
C ILE J 226 -7.54 38.17 10.08
N LEU J 227 -8.84 38.30 10.36
CA LEU J 227 -9.45 39.58 10.66
C LEU J 227 -10.09 39.54 12.04
N LYS J 228 -9.89 40.62 12.79
CA LYS J 228 -10.51 40.74 14.11
C LYS J 228 -12.01 40.99 13.96
N PHE J 229 -12.76 40.67 15.03
CA PHE J 229 -14.21 40.79 14.98
C PHE J 229 -14.66 42.22 14.65
N GLU J 230 -13.97 43.22 15.19
CA GLU J 230 -14.42 44.60 14.96
C GLU J 230 -14.39 44.96 13.48
N TRP J 231 -13.69 44.18 12.65
CA TRP J 231 -13.75 44.37 11.21
C TRP J 231 -15.16 44.14 10.68
N VAL J 232 -15.76 42.98 11.00
CA VAL J 232 -17.01 42.60 10.35
C VAL J 232 -18.12 43.58 10.73
N LYS J 233 -18.27 43.87 12.03
CA LYS J 233 -19.23 44.87 12.46
C LYS J 233 -18.94 46.22 11.82
N ALA J 234 -17.65 46.53 11.58
CA ALA J 234 -17.30 47.77 10.91
C ALA J 234 -18.05 47.90 9.59
N CYS J 235 -18.06 46.83 8.79
CA CYS J 235 -18.80 46.88 7.54
C CYS J 235 -20.28 47.12 7.81
N LEU J 236 -20.84 46.42 8.81
CA LEU J 236 -22.23 46.63 9.15
C LEU J 236 -22.47 48.05 9.65
N ARG J 237 -21.44 48.69 10.21
CA ARG J 237 -21.57 50.09 10.61
C ARG J 237 -21.43 51.04 9.42
N ARG J 238 -20.74 50.62 8.36
CA ARG J 238 -20.45 51.51 7.23
C ARG J 238 -21.06 51.08 5.91
N LYS J 239 -21.45 49.80 5.77
CA LYS J 239 -22.02 49.28 4.53
C LYS J 239 -21.04 49.50 3.37
N VAL J 240 -19.84 48.94 3.53
CA VAL J 240 -18.79 49.01 2.53
C VAL J 240 -17.72 47.98 2.85
N CYS J 241 -17.11 47.40 1.82
CA CYS J 241 -16.01 46.45 2.01
C CYS J 241 -14.71 47.23 2.14
N GLU J 242 -14.55 47.86 3.30
CA GLU J 242 -13.45 48.78 3.53
C GLU J 242 -12.13 48.03 3.66
N GLN J 243 -11.07 48.78 3.95
CA GLN J 243 -9.72 48.22 3.95
C GLN J 243 -9.56 47.17 5.04
N GLU J 244 -8.60 46.28 4.83
CA GLU J 244 -8.35 45.18 5.75
C GLU J 244 -6.92 45.12 6.27
N GLU J 245 -5.99 45.91 5.73
CA GLU J 245 -4.65 45.97 6.29
C GLU J 245 -4.64 46.59 7.69
N LYS J 246 -5.67 47.36 8.04
CA LYS J 246 -5.85 47.83 9.40
C LYS J 246 -6.37 46.74 10.34
N TYR J 247 -6.76 45.59 9.81
CA TYR J 247 -7.36 44.53 10.58
C TYR J 247 -6.54 43.24 10.50
N GLU J 248 -5.25 43.38 10.21
CA GLU J 248 -4.35 42.24 10.05
C GLU J 248 -3.34 42.26 11.19
N ILE J 249 -3.26 41.14 11.90
CA ILE J 249 -2.42 41.06 13.10
C ILE J 249 -0.95 41.09 12.72
N PRO J 250 -0.17 42.04 13.21
CA PRO J 250 1.24 42.14 12.81
C PRO J 250 2.07 40.97 13.30
N GLU J 251 3.08 40.62 12.49
CA GLU J 251 4.09 39.62 12.82
C GLU J 251 3.51 38.24 13.07
N GLY J 252 2.22 38.06 12.80
CA GLY J 252 1.59 36.77 12.89
C GLY J 252 1.15 36.30 11.52
N PRO J 253 -0.15 36.46 11.23
CA PRO J 253 -0.63 36.16 9.87
C PRO J 253 -0.06 37.08 8.80
N ARG J 254 0.52 38.21 9.19
CA ARG J 254 1.09 39.12 8.19
C ARG J 254 2.19 38.46 7.40
N ARG J 255 3.13 37.80 8.08
CA ARG J 255 4.24 37.14 7.38
C ARG J 255 3.72 36.04 6.46
N SER J 256 2.74 35.26 6.93
CA SER J 256 2.18 34.20 6.10
C SER J 256 1.50 34.75 4.86
N ARG J 257 0.71 35.82 5.02
CA ARG J 257 0.00 36.38 3.87
C ARG J 257 0.97 36.99 2.87
N LEU J 258 2.00 37.69 3.37
CA LEU J 258 3.03 38.18 2.47
C LEU J 258 3.74 37.04 1.75
N ASN J 259 4.05 35.96 2.47
CA ASN J 259 4.74 34.83 1.87
C ASN J 259 3.90 34.19 0.76
N ARG J 260 2.58 34.07 0.98
CA ARG J 260 1.75 33.46 -0.05
C ARG J 260 1.55 34.40 -1.24
N GLU J 261 1.37 35.71 -0.98
CA GLU J 261 1.10 36.63 -2.07
C GLU J 261 2.27 36.74 -3.05
N GLN J 262 3.46 36.31 -2.67
CA GLN J 262 4.59 36.22 -3.60
C GLN J 262 4.81 34.80 -4.10
N LEU J 263 3.90 33.87 -3.80
CA LEU J 263 3.93 32.51 -4.33
C LEU J 263 5.16 31.73 -3.86
N LEU J 264 5.74 32.13 -2.73
CA LEU J 264 6.87 31.44 -2.14
C LEU J 264 6.40 30.14 -1.49
N PRO J 265 7.33 29.22 -1.19
CA PRO J 265 6.93 27.93 -0.62
C PRO J 265 6.22 28.09 0.72
N LYS J 266 5.70 26.96 1.21
CA LYS J 266 5.01 26.95 2.49
C LYS J 266 6.02 27.02 3.63
N LEU J 267 5.49 27.13 4.85
CA LEU J 267 6.35 27.32 6.02
C LEU J 267 7.24 26.10 6.26
N PHE J 268 6.66 24.90 6.18
CA PHE J 268 7.38 23.67 6.49
C PHE J 268 7.85 22.95 5.24
N ASP J 269 8.22 23.71 4.20
CA ASP J 269 8.65 23.10 2.95
C ASP J 269 10.04 22.48 3.13
N GLY J 270 10.15 21.20 2.81
CA GLY J 270 11.40 20.48 2.96
C GLY J 270 11.65 19.86 4.31
N CYS J 271 10.67 19.92 5.22
CA CYS J 271 10.80 19.38 6.57
C CYS J 271 9.93 18.13 6.72
N TYR J 272 10.46 17.15 7.42
CA TYR J 272 9.77 15.89 7.68
C TYR J 272 9.49 15.78 9.18
N PHE J 273 8.30 15.28 9.52
CA PHE J 273 7.84 15.21 10.90
C PHE J 273 7.42 13.79 11.23
N TYR J 274 7.89 13.29 12.37
CA TYR J 274 7.43 12.03 12.94
C TYR J 274 6.77 12.33 14.28
N LEU J 275 5.51 11.94 14.42
CA LEU J 275 4.76 12.21 15.65
C LEU J 275 4.87 11.01 16.56
N TRP J 276 5.54 11.18 17.70
CA TRP J 276 5.88 10.09 18.59
C TRP J 276 5.06 10.17 19.87
N GLY J 277 4.38 9.08 20.20
CA GLY J 277 3.57 9.02 21.40
C GLY J 277 2.12 9.36 21.15
N THR J 278 1.35 9.34 22.24
CA THR J 278 -0.05 9.73 22.21
C THR J 278 -0.20 11.16 22.71
N PHE J 279 -1.15 11.89 22.14
CA PHE J 279 -1.27 13.32 22.37
C PHE J 279 -2.62 13.65 23.00
N LYS J 280 -2.63 14.72 23.82
CA LYS J 280 -3.82 15.12 24.54
C LYS J 280 -4.29 16.51 24.19
N HIS J 281 -3.38 17.49 24.09
CA HIS J 281 -3.79 18.87 23.85
C HIS J 281 -4.28 19.05 22.42
N HIS J 282 -3.41 18.78 21.45
CA HIS J 282 -3.80 18.77 20.05
C HIS J 282 -3.71 17.34 19.55
N PRO J 283 -4.82 16.74 19.12
CA PRO J 283 -4.80 15.32 18.77
C PRO J 283 -3.88 15.03 17.60
N LYS J 284 -3.62 13.73 17.39
CA LYS J 284 -2.74 13.31 16.31
C LYS J 284 -3.30 13.74 14.95
N ASP J 285 -4.61 13.61 14.76
CA ASP J 285 -5.21 14.04 13.50
C ASP J 285 -5.05 15.53 13.29
N ASN J 286 -5.22 16.32 14.35
CA ASN J 286 -5.02 17.76 14.26
C ASN J 286 -3.62 18.11 13.78
N LEU J 287 -2.61 17.53 14.43
CA LEU J 287 -1.23 17.82 14.05
C LEU J 287 -0.91 17.33 12.65
N ILE J 288 -1.40 16.15 12.28
CA ILE J 288 -1.12 15.61 10.94
C ILE J 288 -1.73 16.51 9.87
N LYS J 289 -2.99 16.90 10.06
CA LYS J 289 -3.62 17.78 9.09
C LYS J 289 -2.91 19.12 8.99
N LEU J 290 -2.49 19.65 10.14
CA LEU J 290 -1.81 20.94 10.14
C LEU J 290 -0.44 20.84 9.48
N VAL J 291 0.27 19.73 9.68
CA VAL J 291 1.55 19.51 9.02
C VAL J 291 1.36 19.44 7.50
N THR J 292 0.40 18.63 7.06
CA THR J 292 0.19 18.47 5.62
C THR J 292 -0.22 19.78 4.97
N ALA J 293 -1.12 20.53 5.62
CA ALA J 293 -1.53 21.82 5.09
C ALA J 293 -0.41 22.85 5.12
N GLY J 294 0.62 22.63 5.93
CA GLY J 294 1.75 23.53 6.04
C GLY J 294 2.92 23.24 5.12
N GLY J 295 2.78 22.28 4.21
CA GLY J 295 3.83 21.97 3.26
C GLY J 295 4.80 20.89 3.70
N GLY J 296 4.73 20.44 4.95
CA GLY J 296 5.62 19.41 5.43
C GLY J 296 5.19 18.02 5.00
N GLN J 297 5.98 17.03 5.41
CA GLN J 297 5.69 15.64 5.14
C GLN J 297 5.74 14.85 6.44
N ILE J 298 4.82 13.90 6.58
CA ILE J 298 4.71 13.09 7.79
C ILE J 298 5.48 11.79 7.57
N LEU J 299 6.42 11.50 8.46
CA LEU J 299 7.15 10.25 8.43
C LEU J 299 6.39 9.19 9.20
N SER J 300 6.50 7.94 8.73
CA SER J 300 5.82 6.82 9.35
C SER J 300 6.72 5.98 10.24
N ARG J 301 8.02 5.94 9.95
CA ARG J 301 9.01 5.28 10.78
C ARG J 301 9.82 6.29 11.56
N LYS J 302 10.28 5.89 12.73
CA LYS J 302 11.07 6.78 13.56
C LYS J 302 12.40 7.06 12.88
N PRO J 303 12.81 8.32 12.77
CA PRO J 303 14.05 8.63 12.06
C PRO J 303 15.30 8.29 12.85
N LYS J 304 15.76 7.05 12.76
CA LYS J 304 17.02 6.69 13.38
C LYS J 304 18.13 7.53 12.79
N PRO J 305 18.89 8.29 13.60
CA PRO J 305 19.89 9.20 13.03
C PRO J 305 20.97 8.49 12.22
N ASP J 306 21.41 7.32 12.64
CA ASP J 306 22.47 6.60 11.93
C ASP J 306 21.91 5.59 10.94
N SER J 307 21.00 6.04 10.08
CA SER J 307 20.41 5.19 9.06
C SER J 307 20.53 5.88 7.72
N ASP J 308 20.75 5.10 6.66
CA ASP J 308 20.99 5.68 5.34
C ASP J 308 19.77 6.45 4.85
N VAL J 309 18.57 5.98 5.16
CA VAL J 309 17.38 6.69 4.73
C VAL J 309 17.32 8.07 5.36
N THR J 310 17.70 8.18 6.64
CA THR J 310 17.71 9.46 7.31
C THR J 310 18.88 10.32 6.86
N GLN J 311 20.06 9.73 6.68
CA GLN J 311 21.24 10.51 6.32
C GLN J 311 21.16 11.05 4.91
N THR J 312 20.52 10.32 3.99
CA THR J 312 20.55 10.68 2.58
C THR J 312 19.47 11.69 2.19
N ILE J 313 18.66 12.15 3.13
CA ILE J 313 17.69 13.20 2.83
C ILE J 313 18.45 14.51 2.65
N ASN J 314 18.63 14.93 1.41
CA ASN J 314 19.46 16.07 1.07
C ASN J 314 18.65 17.34 0.79
N THR J 315 17.37 17.36 1.18
CA THR J 315 16.56 18.55 0.99
C THR J 315 16.98 19.64 1.97
N VAL J 316 16.45 20.84 1.74
CA VAL J 316 16.74 22.00 2.56
C VAL J 316 15.43 22.71 2.92
N ALA J 317 15.31 23.13 4.17
CA ALA J 317 14.15 23.88 4.62
C ALA J 317 14.28 25.33 4.16
N TYR J 318 13.35 25.76 3.31
CA TYR J 318 13.47 27.10 2.71
C TYR J 318 13.32 28.19 3.77
N HIS J 319 12.38 28.04 4.69
CA HIS J 319 12.06 29.07 5.66
C HIS J 319 12.87 28.97 6.94
N ALA J 320 14.07 28.39 6.87
CA ALA J 320 14.95 28.35 8.03
C ALA J 320 15.87 29.57 8.02
N ARG J 321 16.63 29.72 9.10
CA ARG J 321 17.64 30.76 9.15
C ARG J 321 18.71 30.46 8.10
N PRO J 322 19.33 31.49 7.52
CA PRO J 322 20.28 31.26 6.43
C PRO J 322 21.46 30.38 6.80
N ASP J 323 21.89 30.39 8.07
CA ASP J 323 23.10 29.68 8.46
C ASP J 323 22.90 28.81 9.69
N SER J 324 21.66 28.50 10.06
CA SER J 324 21.43 27.68 11.23
C SER J 324 21.60 26.20 10.88
N ASP J 325 21.51 25.36 11.92
CA ASP J 325 21.57 23.92 11.71
C ASP J 325 20.31 23.39 11.04
N GLN J 326 19.22 24.18 11.06
CA GLN J 326 17.93 23.71 10.57
C GLN J 326 17.81 23.76 9.05
N ARG J 327 18.80 24.29 8.35
CA ARG J 327 18.76 24.27 6.89
C ARG J 327 18.87 22.86 6.35
N PHE J 328 19.86 22.11 6.83
CA PHE J 328 20.09 20.76 6.30
CA PHE J 328 20.08 20.77 6.30
C PHE J 328 19.52 19.70 7.24
N CYS J 329 19.42 20.00 8.52
CA CYS J 329 18.82 19.10 9.49
C CYS J 329 17.33 19.44 9.57
N THR J 330 16.53 18.76 8.74
CA THR J 330 15.14 19.14 8.53
C THR J 330 14.15 18.13 9.12
N GLN J 331 14.63 17.06 9.73
CA GLN J 331 13.75 16.01 10.26
C GLN J 331 13.52 16.25 11.74
N TYR J 332 12.25 16.16 12.16
CA TYR J 332 11.85 16.42 13.53
C TYR J 332 11.05 15.25 14.09
N ILE J 333 11.25 14.98 15.37
CA ILE J 333 10.42 14.05 16.13
C ILE J 333 9.62 14.89 17.11
N ILE J 334 8.33 15.04 16.84
CA ILE J 334 7.46 15.90 17.63
C ILE J 334 6.87 15.07 18.76
N TYR J 335 7.14 15.47 19.99
CA TYR J 335 6.61 14.81 21.17
C TYR J 335 5.89 15.82 22.05
N GLU J 336 4.86 15.36 22.76
CA GLU J 336 4.12 16.22 23.65
C GLU J 336 4.83 16.34 24.99
N ASP J 337 4.75 17.53 25.59
CA ASP J 337 5.40 17.77 26.86
C ASP J 337 4.79 16.94 27.98
N LEU J 338 3.51 16.60 27.88
CA LEU J 338 2.89 15.76 28.90
C LEU J 338 3.56 14.38 28.99
N CYS J 339 3.90 13.81 27.83
CA CYS J 339 4.66 12.55 27.84
C CYS J 339 6.01 12.74 28.52
N ASN J 340 6.65 13.88 28.26
CA ASN J 340 7.90 14.26 28.92
C ASN J 340 9.01 13.24 28.66
N TYR J 341 9.32 13.04 27.39
CA TYR J 341 10.52 12.31 26.99
C TYR J 341 11.60 13.36 26.70
N HIS J 342 12.31 13.76 27.76
CA HIS J 342 13.33 14.80 27.62
C HIS J 342 14.62 14.16 27.12
N PRO J 343 15.11 14.53 25.94
CA PRO J 343 16.29 13.87 25.37
C PRO J 343 17.58 14.34 26.03
N GLU J 344 18.60 13.49 25.91
CA GLU J 344 19.94 13.88 26.34
C GLU J 344 20.47 15.03 25.48
N ARG J 345 20.24 14.97 24.17
CA ARG J 345 20.61 16.02 23.24
C ARG J 345 19.41 16.38 22.38
N VAL J 346 19.21 17.68 22.16
CA VAL J 346 18.05 18.14 21.42
C VAL J 346 18.11 17.68 19.97
N ARG J 347 19.31 17.63 19.39
CA ARG J 347 19.52 17.15 18.03
C ARG J 347 20.62 16.10 18.01
N GLN J 348 20.40 15.04 17.25
CA GLN J 348 21.41 14.00 17.06
C GLN J 348 21.43 13.64 15.58
N GLY J 349 22.50 14.04 14.89
CA GLY J 349 22.60 13.81 13.47
C GLY J 349 21.79 14.81 12.67
N LYS J 350 20.81 14.31 11.92
CA LYS J 350 19.91 15.17 11.15
C LYS J 350 18.53 15.26 11.78
N VAL J 351 18.33 14.68 12.97
CA VAL J 351 17.02 14.54 13.57
C VAL J 351 16.97 15.37 14.85
N TRP J 352 16.04 16.32 14.90
CA TRP J 352 15.74 17.06 16.11
C TRP J 352 14.66 16.33 16.90
N LYS J 353 14.62 16.62 18.20
CA LYS J 353 13.53 16.16 19.06
C LYS J 353 12.84 17.41 19.60
N ALA J 354 11.66 17.69 19.05
CA ALA J 354 10.98 18.95 19.34
C ALA J 354 9.68 18.70 20.09
N PRO J 355 9.41 19.49 21.12
CA PRO J 355 8.09 19.43 21.76
C PRO J 355 7.02 19.97 20.84
N SER J 356 5.79 19.48 21.03
CA SER J 356 4.67 20.00 20.26
C SER J 356 4.43 21.47 20.54
N SER J 357 4.86 21.97 21.69
CA SER J 357 4.76 23.40 21.98
C SER J 357 5.59 24.21 20.99
N TRP J 358 6.80 23.75 20.69
CA TRP J 358 7.63 24.42 19.69
C TRP J 358 6.94 24.43 18.33
N PHE J 359 6.30 23.32 17.97
CA PHE J 359 5.61 23.24 16.69
C PHE J 359 4.47 24.25 16.62
N ILE J 360 3.64 24.29 17.67
CA ILE J 360 2.53 25.24 17.68
C ILE J 360 3.03 26.67 17.64
N ASP J 361 4.11 26.95 18.39
CA ASP J 361 4.64 28.31 18.43
C ASP J 361 5.21 28.71 17.07
N CYS J 362 5.84 27.77 16.36
CA CYS J 362 6.30 28.04 15.01
C CYS J 362 5.14 28.32 14.08
N VAL J 363 4.03 27.58 14.22
CA VAL J 363 2.89 27.81 13.35
C VAL J 363 2.25 29.18 13.63
N MET J 364 2.13 29.55 14.90
CA MET J 364 1.52 30.84 15.22
C MET J 364 2.35 32.00 14.67
N SER J 365 3.67 31.92 14.79
CA SER J 365 4.55 33.00 14.38
C SER J 365 4.97 32.92 12.91
N PHE J 366 4.67 31.82 12.23
CA PHE J 366 5.11 31.59 10.86
C PHE J 366 6.62 31.79 10.71
N GLU J 367 7.36 30.94 11.40
CA GLU J 367 8.81 31.03 11.45
C GLU J 367 9.36 29.75 12.07
N LEU J 368 10.50 29.29 11.58
CA LEU J 368 11.16 28.10 12.13
C LEU J 368 12.02 28.54 13.30
N LEU J 369 11.46 28.45 14.50
CA LEU J 369 12.17 28.86 15.69
C LEU J 369 13.25 27.84 16.04
N PRO J 370 14.50 28.27 16.24
CA PRO J 370 15.56 27.32 16.55
C PRO J 370 15.34 26.62 17.88
N LEU J 371 15.79 25.37 17.95
CA LEU J 371 15.70 24.60 19.18
C LEU J 371 16.94 24.74 20.07
N ASP J 372 18.00 25.36 19.57
CA ASP J 372 19.19 25.57 20.38
C ASP J 372 19.21 26.98 20.96
N SER K 1 34.78 -6.05 0.86
CA SER K 1 35.75 -6.52 1.83
C SER K 1 36.42 -7.82 1.39
N ALA K 2 35.65 -8.73 0.81
CA ALA K 2 36.15 -10.00 0.29
C ALA K 2 37.08 -10.70 1.28
N LYS K 3 36.52 -11.01 2.44
CA LYS K 3 37.22 -11.64 3.54
C LYS K 3 37.13 -13.16 3.47
N ALA K 4 37.54 -13.81 4.56
CA ALA K 4 37.42 -15.25 4.73
C ALA K 4 36.82 -15.62 6.07
N LYS K 5 36.37 -14.65 6.86
CA LYS K 5 35.86 -14.91 8.20
C LYS K 5 34.62 -15.79 8.14
N THR K 6 33.55 -15.24 7.58
CA THR K 6 32.29 -15.91 7.33
C THR K 6 31.41 -14.92 6.58
N ARG K 7 30.47 -15.41 5.78
CA ARG K 7 29.73 -14.51 4.92
C ARG K 7 28.82 -13.58 5.71
N SER K 8 28.28 -14.04 6.83
CA SER K 8 27.45 -13.18 7.66
C SER K 8 28.23 -12.02 8.23
N SER K 9 29.39 -12.30 8.83
CA SER K 9 30.20 -11.23 9.39
C SER K 9 30.83 -10.37 8.30
N ARG K 10 31.11 -10.96 7.14
CA ARG K 10 31.58 -10.16 6.01
C ARG K 10 30.52 -9.17 5.58
N ALA K 11 29.25 -9.58 5.57
CA ALA K 11 28.17 -8.69 5.22
C ALA K 11 27.75 -7.77 6.38
N GLY K 12 28.23 -8.02 7.59
CA GLY K 12 27.82 -7.23 8.72
C GLY K 12 26.51 -7.63 9.32
N LEU K 13 26.11 -8.90 9.20
CA LEU K 13 24.80 -9.36 9.57
C LEU K 13 24.90 -10.37 10.71
N GLN K 14 23.75 -10.62 11.34
CA GLN K 14 23.62 -11.71 12.31
C GLN K 14 22.96 -12.93 11.72
N PHE K 15 22.07 -12.75 10.75
CA PHE K 15 21.39 -13.86 10.10
C PHE K 15 22.35 -14.62 9.19
N PRO K 16 22.10 -15.91 8.94
CA PRO K 16 23.07 -16.74 8.21
C PRO K 16 22.95 -16.55 6.72
N VAL K 17 24.01 -16.01 6.11
CA VAL K 17 24.02 -15.83 4.67
C VAL K 17 24.19 -17.17 3.97
N GLY K 18 24.96 -18.09 4.56
CA GLY K 18 25.14 -19.40 3.96
C GLY K 18 23.88 -20.23 3.99
N ARG K 19 23.17 -20.23 5.12
CA ARG K 19 21.92 -20.99 5.22
C ARG K 19 20.86 -20.42 4.29
N VAL K 20 20.76 -19.09 4.20
CA VAL K 20 19.80 -18.48 3.28
C VAL K 20 20.17 -18.81 1.85
N HIS K 21 21.47 -18.85 1.53
CA HIS K 21 21.90 -19.22 0.20
C HIS K 21 21.49 -20.65 -0.13
N ARG K 22 21.67 -21.59 0.82
CA ARG K 22 21.25 -22.97 0.57
C ARG K 22 19.75 -23.06 0.41
N LEU K 23 18.99 -22.35 1.23
CA LEU K 23 17.54 -22.39 1.12
C LEU K 23 17.04 -21.81 -0.18
N LEU K 24 17.76 -20.83 -0.74
CA LEU K 24 17.42 -20.32 -2.06
C LEU K 24 17.79 -21.32 -3.14
N ARG K 25 18.91 -22.02 -2.97
CA ARG K 25 19.36 -22.97 -3.97
C ARG K 25 18.48 -24.22 -4.02
N LYS K 26 17.94 -24.64 -2.87
CA LYS K 26 17.18 -25.87 -2.78
C LYS K 26 15.68 -25.65 -2.76
N GLY K 27 15.21 -24.42 -2.83
CA GLY K 27 13.81 -24.14 -2.69
C GLY K 27 13.00 -24.14 -3.95
N ASN K 28 13.61 -24.47 -5.09
CA ASN K 28 12.92 -24.51 -6.38
C ASN K 28 12.36 -23.14 -6.74
N TYR K 29 13.23 -22.14 -6.74
CA TYR K 29 12.87 -20.78 -7.10
C TYR K 29 13.41 -20.38 -8.46
N SER K 30 14.64 -20.76 -8.77
CA SER K 30 15.23 -20.46 -10.07
C SER K 30 16.33 -21.47 -10.33
N GLU K 31 16.80 -21.49 -11.58
CA GLU K 31 17.87 -22.40 -11.97
C GLU K 31 19.18 -22.00 -11.30
N ARG K 32 19.46 -20.72 -11.19
CA ARG K 32 20.68 -20.22 -10.57
C ARG K 32 20.33 -19.18 -9.52
N VAL K 33 21.28 -18.92 -8.63
CA VAL K 33 21.14 -17.93 -7.58
C VAL K 33 22.41 -17.11 -7.53
N GLY K 34 22.28 -15.78 -7.62
CA GLY K 34 23.44 -14.92 -7.59
C GLY K 34 24.11 -14.93 -6.24
N ALA K 35 25.34 -14.43 -6.22
CA ALA K 35 26.12 -14.39 -4.98
C ALA K 35 25.66 -13.30 -4.04
N GLY K 36 24.95 -12.29 -4.54
CA GLY K 36 24.45 -11.22 -3.71
C GLY K 36 22.99 -11.34 -3.35
N ALA K 37 22.33 -12.42 -3.72
CA ALA K 37 20.93 -12.61 -3.37
C ALA K 37 20.77 -13.05 -1.92
N PRO K 38 21.55 -14.05 -1.43
CA PRO K 38 21.45 -14.38 -0.01
C PRO K 38 21.83 -13.24 0.91
N VAL K 39 22.80 -12.42 0.54
CA VAL K 39 23.20 -11.30 1.39
C VAL K 39 22.07 -10.28 1.50
N TYR K 40 21.47 -9.93 0.38
CA TYR K 40 20.36 -8.98 0.38
C TYR K 40 19.18 -9.53 1.15
N LEU K 41 18.83 -10.80 0.93
CA LEU K 41 17.68 -11.37 1.61
C LEU K 41 17.91 -11.49 3.11
N ALA K 42 19.11 -11.88 3.52
CA ALA K 42 19.41 -11.96 4.95
C ALA K 42 19.38 -10.57 5.60
N ALA K 43 19.86 -9.55 4.88
CA ALA K 43 19.79 -8.19 5.41
C ALA K 43 18.34 -7.75 5.59
N VAL K 44 17.48 -8.04 4.62
CA VAL K 44 16.08 -7.65 4.73
C VAL K 44 15.41 -8.39 5.88
N LEU K 45 15.65 -9.69 6.00
CA LEU K 45 15.04 -10.46 7.07
C LEU K 45 15.51 -9.96 8.44
N GLU K 46 16.80 -9.67 8.57
CA GLU K 46 17.31 -9.16 9.84
C GLU K 46 16.71 -7.79 10.16
N TYR K 47 16.54 -6.93 9.16
CA TYR K 47 15.93 -5.64 9.42
C TYR K 47 14.50 -5.79 9.92
N LEU K 48 13.72 -6.64 9.27
CA LEU K 48 12.33 -6.83 9.70
C LEU K 48 12.26 -7.42 11.09
N THR K 49 13.12 -8.40 11.38
CA THR K 49 13.17 -8.98 12.71
C THR K 49 13.51 -7.94 13.76
N ALA K 50 14.48 -7.07 13.48
CA ALA K 50 14.85 -6.04 14.43
C ALA K 50 13.72 -5.03 14.63
N GLU K 51 12.99 -4.72 13.57
CA GLU K 51 11.83 -3.83 13.71
C GLU K 51 10.82 -4.42 14.69
N ILE K 52 10.41 -5.67 14.44
CA ILE K 52 9.39 -6.28 15.30
C ILE K 52 9.91 -6.43 16.71
N LEU K 53 11.18 -6.80 16.88
CA LEU K 53 11.70 -7.04 18.22
C LEU K 53 11.84 -5.74 19.01
N GLU K 54 12.21 -4.65 18.35
CA GLU K 54 12.27 -3.37 19.05
C GLU K 54 10.89 -2.95 19.51
N LEU K 55 9.89 -3.03 18.62
CA LEU K 55 8.55 -2.63 19.01
C LEU K 55 8.00 -3.54 20.12
N ALA K 56 8.27 -4.84 20.02
CA ALA K 56 7.81 -5.78 21.04
C ALA K 56 8.48 -5.55 22.38
N GLY K 57 9.78 -5.22 22.38
CA GLY K 57 10.45 -4.91 23.62
C GLY K 57 9.92 -3.64 24.26
N ASN K 58 9.57 -2.64 23.43
CA ASN K 58 8.90 -1.47 23.96
C ASN K 58 7.58 -1.84 24.63
N ALA K 59 6.78 -2.67 23.95
CA ALA K 59 5.51 -3.09 24.51
C ALA K 59 5.69 -3.91 25.78
N ALA K 60 6.81 -4.64 25.88
CA ALA K 60 7.08 -5.41 27.10
C ALA K 60 7.49 -4.49 28.24
N ARG K 61 8.25 -3.44 27.94
CA ARG K 61 8.58 -2.46 28.97
C ARG K 61 7.35 -1.74 29.47
N ASP K 62 6.42 -1.41 28.57
CA ASP K 62 5.20 -0.71 28.98
C ASP K 62 4.38 -1.55 29.96
N ASN K 63 4.42 -2.88 29.82
CA ASN K 63 3.75 -3.78 30.74
C ASN K 63 4.63 -4.15 31.94
N LYS K 64 5.80 -3.53 32.06
CA LYS K 64 6.75 -3.81 33.14
C LYS K 64 7.20 -5.26 33.14
N LYS K 65 7.42 -5.82 31.95
CA LYS K 65 7.96 -7.15 31.79
C LYS K 65 9.34 -7.07 31.14
N THR K 66 10.19 -8.04 31.45
CA THR K 66 11.52 -8.12 30.87
C THR K 66 11.67 -9.34 29.98
N ARG K 67 10.57 -9.81 29.41
CA ARG K 67 10.56 -11.02 28.60
C ARG K 67 9.39 -10.94 27.64
N ILE K 68 9.66 -11.08 26.35
CA ILE K 68 8.64 -10.89 25.33
C ILE K 68 7.79 -12.16 25.22
N ILE K 69 6.48 -11.97 25.21
CA ILE K 69 5.51 -13.06 25.07
C ILE K 69 4.70 -12.76 23.81
N PRO K 70 3.92 -13.72 23.28
CA PRO K 70 3.20 -13.44 22.03
C PRO K 70 2.24 -12.25 22.12
N ARG K 71 1.77 -11.92 23.32
CA ARG K 71 0.91 -10.75 23.47
C ARG K 71 1.63 -9.48 23.06
N HIS K 72 2.91 -9.36 23.42
CA HIS K 72 3.67 -8.17 23.07
C HIS K 72 3.96 -8.09 21.58
N LEU K 73 4.20 -9.24 20.94
CA LEU K 73 4.33 -9.26 19.49
C LEU K 73 3.03 -8.83 18.81
N GLN K 74 1.90 -9.33 19.32
CA GLN K 74 0.60 -8.91 18.81
C GLN K 74 0.44 -7.40 18.93
N LEU K 75 0.72 -6.85 20.11
CA LEU K 75 0.56 -5.41 20.32
C LEU K 75 1.48 -4.61 19.41
N ALA K 76 2.74 -5.03 19.29
CA ALA K 76 3.70 -4.32 18.45
C ALA K 76 3.25 -4.33 16.99
N ILE K 77 2.79 -5.47 16.49
CA ILE K 77 2.41 -5.56 15.09
C ILE K 77 1.13 -4.78 14.83
N ARG K 78 0.13 -4.90 15.70
CA ARG K 78 -1.14 -4.23 15.44
C ARG K 78 -1.09 -2.73 15.68
N ASN K 79 -0.17 -2.25 16.52
CA ASN K 79 -0.06 -0.82 16.76
C ASN K 79 0.79 -0.12 15.72
N ASP K 80 1.53 -0.86 14.89
CA ASP K 80 2.30 -0.29 13.80
C ASP K 80 1.47 -0.35 12.53
N GLU K 81 1.39 0.78 11.83
CA GLU K 81 0.58 0.92 10.64
C GLU K 81 1.03 0.10 9.47
N GLU K 82 2.33 -0.06 9.31
CA GLU K 82 2.90 -0.80 8.19
C GLU K 82 3.14 -2.27 8.49
N LEU K 83 3.52 -2.60 9.74
CA LEU K 83 3.62 -4.00 10.12
C LEU K 83 2.25 -4.66 10.18
N ASN K 84 1.22 -3.91 10.55
CA ASN K 84 -0.14 -4.44 10.54
C ASN K 84 -0.64 -4.67 9.12
N LYS K 85 -0.04 -4.01 8.14
CA LYS K 85 -0.39 -4.22 6.74
C LYS K 85 0.42 -5.33 6.11
N LEU K 86 1.68 -5.48 6.51
CA LEU K 86 2.47 -6.63 6.07
C LEU K 86 1.90 -7.92 6.60
N LEU K 87 1.44 -7.93 7.85
CA LEU K 87 0.89 -9.10 8.52
C LEU K 87 -0.61 -8.97 8.72
N GLY K 88 -1.32 -8.45 7.71
CA GLY K 88 -2.75 -8.23 7.85
C GLY K 88 -3.54 -9.52 7.93
N ARG K 89 -3.19 -10.52 7.13
CA ARG K 89 -3.90 -11.80 7.08
C ARG K 89 -3.20 -12.87 7.91
N VAL K 90 -2.58 -12.49 9.01
CA VAL K 90 -1.84 -13.41 9.88
C VAL K 90 -2.46 -13.37 11.26
N THR K 91 -2.75 -14.55 11.80
CA THR K 91 -3.16 -14.68 13.19
C THR K 91 -1.98 -15.19 14.02
N ILE K 92 -1.80 -14.59 15.19
CA ILE K 92 -0.68 -14.89 16.07
C ILE K 92 -1.23 -15.66 17.25
N ALA K 93 -0.71 -16.86 17.47
CA ALA K 93 -1.22 -17.73 18.52
C ALA K 93 -0.97 -17.12 19.90
N GLN K 94 -1.98 -17.17 20.75
CA GLN K 94 -1.91 -16.66 22.11
C GLN K 94 -1.63 -15.15 22.14
N GLY K 95 -2.15 -14.42 21.16
CA GLY K 95 -1.86 -13.01 21.03
C GLY K 95 -2.95 -12.07 21.49
N GLY K 96 -4.20 -12.50 21.43
CA GLY K 96 -5.29 -11.64 21.81
C GLY K 96 -5.66 -10.62 20.74
N VAL K 97 -6.28 -9.53 21.19
CA VAL K 97 -6.71 -8.45 20.32
C VAL K 97 -6.33 -7.12 20.94
N LEU K 98 -6.39 -6.07 20.14
CA LEU K 98 -6.16 -4.72 20.67
C LEU K 98 -7.40 -4.25 21.42
N PRO K 99 -7.25 -3.78 22.65
CA PRO K 99 -8.41 -3.24 23.37
C PRO K 99 -8.93 -1.95 22.74
N ASN K 100 -10.12 -2.01 22.15
CA ASN K 100 -10.82 -0.81 21.71
C ASN K 100 -12.32 -1.09 21.64
N ILE K 101 -13.10 -0.16 22.17
CA ILE K 101 -14.55 -0.27 22.24
C ILE K 101 -15.14 0.86 21.40
N GLN K 102 -16.14 0.53 20.59
CA GLN K 102 -16.79 1.55 19.76
C GLN K 102 -17.48 2.59 20.65
N ALA K 103 -17.40 3.85 20.24
CA ALA K 103 -17.77 4.96 21.09
C ALA K 103 -19.26 5.00 21.41
N VAL K 104 -20.10 4.29 20.66
CA VAL K 104 -21.54 4.32 20.91
C VAL K 104 -21.96 3.34 21.99
N LEU K 105 -21.08 2.42 22.39
CA LEU K 105 -21.39 1.49 23.46
C LEU K 105 -21.05 2.04 24.84
N LEU K 106 -20.31 3.14 24.91
CA LEU K 106 -19.94 3.72 26.19
C LEU K 106 -21.11 4.48 26.80
N PRO K 107 -21.17 4.57 28.12
CA PRO K 107 -22.25 5.31 28.77
C PRO K 107 -22.18 6.79 28.43
N LYS K 108 -23.35 7.42 28.41
CA LYS K 108 -23.45 8.83 28.03
C LYS K 108 -22.84 9.74 29.09
N SER L 1 -1.95 -48.64 -23.22
CA SER L 1 -2.12 -48.68 -24.67
C SER L 1 -0.85 -49.08 -25.39
N ALA L 2 0.32 -48.66 -24.90
CA ALA L 2 1.62 -49.04 -25.47
C ALA L 2 1.68 -48.74 -26.96
N LYS L 3 1.16 -47.58 -27.35
CA LYS L 3 1.15 -47.14 -28.73
C LYS L 3 2.21 -46.07 -28.94
N ALA L 4 2.37 -45.67 -30.20
CA ALA L 4 3.31 -44.61 -30.57
C ALA L 4 2.68 -43.56 -31.47
N LYS L 5 1.35 -43.43 -31.41
CA LYS L 5 0.64 -42.46 -32.25
C LYS L 5 1.07 -41.04 -31.91
N THR L 6 0.72 -40.59 -30.70
CA THR L 6 1.16 -39.34 -30.11
C THR L 6 0.62 -39.32 -28.69
N ARG L 7 1.33 -38.66 -27.78
CA ARG L 7 1.00 -38.78 -26.36
C ARG L 7 -0.41 -38.29 -26.06
N SER L 8 -0.84 -37.23 -26.73
CA SER L 8 -2.20 -36.72 -26.53
C SER L 8 -3.24 -37.75 -26.91
N SER L 9 -3.13 -38.31 -28.12
CA SER L 9 -4.09 -39.32 -28.55
C SER L 9 -3.91 -40.62 -27.78
N ARG L 10 -2.67 -40.94 -27.41
CA ARG L 10 -2.44 -42.11 -26.57
C ARG L 10 -3.21 -42.00 -25.26
N ALA L 11 -3.25 -40.81 -24.68
CA ALA L 11 -4.06 -40.58 -23.49
C ALA L 11 -5.54 -40.37 -23.82
N GLY L 12 -5.88 -40.18 -25.09
CA GLY L 12 -7.27 -39.92 -25.45
C GLY L 12 -7.70 -38.49 -25.24
N LEU L 13 -6.79 -37.53 -25.41
CA LEU L 13 -7.06 -36.13 -25.12
C LEU L 13 -6.85 -35.29 -26.37
N GLN L 14 -7.27 -34.03 -26.28
CA GLN L 14 -6.96 -33.04 -27.30
C GLN L 14 -5.94 -32.01 -26.84
N PHE L 15 -5.79 -31.81 -25.54
CA PHE L 15 -4.75 -30.93 -25.03
C PHE L 15 -3.36 -31.58 -25.18
N PRO L 16 -2.30 -30.78 -25.29
CA PRO L 16 -0.98 -31.33 -25.58
C PRO L 16 -0.30 -31.87 -24.34
N VAL L 17 -0.08 -33.19 -24.32
CA VAL L 17 0.63 -33.78 -23.19
C VAL L 17 2.10 -33.37 -23.21
N GLY L 18 2.69 -33.28 -24.41
CA GLY L 18 4.10 -32.93 -24.50
C GLY L 18 4.39 -31.49 -24.10
N ARG L 19 3.54 -30.56 -24.52
CA ARG L 19 3.72 -29.17 -24.13
C ARG L 19 3.52 -29.00 -22.63
N VAL L 20 2.54 -29.68 -22.05
CA VAL L 20 2.33 -29.63 -20.61
C VAL L 20 3.52 -30.23 -19.88
N HIS L 21 4.09 -31.30 -20.43
CA HIS L 21 5.28 -31.90 -19.83
C HIS L 21 6.44 -30.94 -19.82
N ARG L 22 6.68 -30.27 -20.95
CA ARG L 22 7.77 -29.29 -20.99
C ARG L 22 7.52 -28.13 -20.04
N LEU L 23 6.28 -27.65 -19.98
CA LEU L 23 5.97 -26.53 -19.10
C LEU L 23 6.17 -26.89 -17.64
N LEU L 24 5.82 -28.13 -17.26
CA LEU L 24 6.09 -28.59 -15.91
C LEU L 24 7.57 -28.71 -15.64
N ARG L 25 8.33 -29.25 -16.60
CA ARG L 25 9.76 -29.47 -16.39
C ARG L 25 10.51 -28.15 -16.24
N LYS L 26 10.18 -27.15 -17.04
CA LYS L 26 10.95 -25.93 -17.11
C LYS L 26 10.32 -24.78 -16.33
N GLY L 27 9.34 -25.06 -15.48
CA GLY L 27 8.66 -24.03 -14.74
C GLY L 27 9.07 -23.87 -13.29
N ASN L 28 10.12 -24.57 -12.85
CA ASN L 28 10.64 -24.46 -11.50
C ASN L 28 9.62 -24.90 -10.46
N TYR L 29 9.08 -26.11 -10.66
CA TYR L 29 8.12 -26.71 -9.75
C TYR L 29 8.71 -27.82 -8.91
N SER L 30 9.56 -28.65 -9.50
CA SER L 30 10.24 -29.71 -8.77
C SER L 30 11.47 -30.11 -9.57
N GLU L 31 12.36 -30.85 -8.91
CA GLU L 31 13.55 -31.35 -9.58
C GLU L 31 13.19 -32.32 -10.69
N ARG L 32 12.23 -33.21 -10.45
CA ARG L 32 11.83 -34.22 -11.42
C ARG L 32 10.32 -34.17 -11.61
N VAL L 33 9.87 -34.67 -12.76
CA VAL L 33 8.46 -34.70 -13.12
C VAL L 33 8.12 -36.10 -13.58
N GLY L 34 7.11 -36.69 -12.95
CA GLY L 34 6.73 -38.04 -13.30
C GLY L 34 6.17 -38.15 -14.71
N ALA L 35 6.16 -39.38 -15.23
CA ALA L 35 5.71 -39.61 -16.59
C ALA L 35 4.21 -39.32 -16.74
N GLY L 36 3.42 -39.62 -15.72
CA GLY L 36 1.99 -39.43 -15.77
C GLY L 36 1.48 -38.10 -15.27
N ALA L 37 2.34 -37.23 -14.75
CA ALA L 37 1.89 -35.91 -14.33
C ALA L 37 1.40 -35.05 -15.48
N PRO L 38 2.10 -34.95 -16.62
CA PRO L 38 1.52 -34.20 -17.75
C PRO L 38 0.21 -34.77 -18.25
N VAL L 39 0.04 -36.09 -18.25
CA VAL L 39 -1.20 -36.69 -18.72
C VAL L 39 -2.35 -36.31 -17.82
N TYR L 40 -2.15 -36.45 -16.50
CA TYR L 40 -3.19 -36.08 -15.54
C TYR L 40 -3.53 -34.61 -15.64
N LEU L 41 -2.52 -33.75 -15.73
CA LEU L 41 -2.77 -32.31 -15.76
C LEU L 41 -3.47 -31.90 -17.04
N ALA L 42 -3.08 -32.47 -18.18
CA ALA L 42 -3.75 -32.16 -19.43
C ALA L 42 -5.19 -32.62 -19.42
N ALA L 43 -5.45 -33.79 -18.83
CA ALA L 43 -6.84 -34.27 -18.72
C ALA L 43 -7.69 -33.34 -17.88
N VAL L 44 -7.15 -32.88 -16.75
CA VAL L 44 -7.90 -31.97 -15.89
C VAL L 44 -8.16 -30.64 -16.59
N LEU L 45 -7.13 -30.09 -17.24
CA LEU L 45 -7.30 -28.82 -17.95
C LEU L 45 -8.34 -28.94 -19.06
N GLU L 46 -8.30 -30.05 -19.81
CA GLU L 46 -9.28 -30.24 -20.87
C GLU L 46 -10.68 -30.39 -20.31
N TYR L 47 -10.83 -31.08 -19.19
CA TYR L 47 -12.16 -31.20 -18.58
C TYR L 47 -12.71 -29.85 -18.18
N LEU L 48 -11.89 -29.03 -17.52
CA LEU L 48 -12.37 -27.71 -17.10
C LEU L 48 -12.70 -26.83 -18.29
N THR L 49 -11.86 -26.89 -19.32
CA THR L 49 -12.15 -26.12 -20.54
C THR L 49 -13.46 -26.55 -21.16
N ALA L 50 -13.72 -27.86 -21.22
CA ALA L 50 -14.97 -28.35 -21.80
C ALA L 50 -16.17 -27.93 -20.97
N GLU L 51 -16.04 -27.94 -19.65
CA GLU L 51 -17.15 -27.48 -18.79
C GLU L 51 -17.50 -26.02 -19.09
N ILE L 52 -16.49 -25.15 -19.05
CA ILE L 52 -16.78 -23.74 -19.29
C ILE L 52 -17.29 -23.53 -20.70
N LEU L 53 -16.74 -24.24 -21.69
CA LEU L 53 -17.15 -24.04 -23.07
C LEU L 53 -18.57 -24.52 -23.30
N GLU L 54 -18.98 -25.62 -22.65
CA GLU L 54 -20.36 -26.06 -22.82
C GLU L 54 -21.34 -25.07 -22.20
N LEU L 55 -21.04 -24.58 -21.00
CA LEU L 55 -21.93 -23.59 -20.39
C LEU L 55 -21.98 -22.31 -21.20
N ALA L 56 -20.83 -21.89 -21.74
CA ALA L 56 -20.79 -20.68 -22.57
C ALA L 56 -21.55 -20.86 -23.87
N GLY L 57 -21.47 -22.05 -24.47
CA GLY L 57 -22.24 -22.30 -25.67
C GLY L 57 -23.73 -22.31 -25.42
N ASN L 58 -24.15 -22.85 -24.27
CA ASN L 58 -25.55 -22.76 -23.89
C ASN L 58 -25.98 -21.31 -23.74
N ALA L 59 -25.14 -20.48 -23.10
CA ALA L 59 -25.46 -19.07 -22.96
C ALA L 59 -25.54 -18.38 -24.32
N ALA L 60 -24.64 -18.73 -25.24
CA ALA L 60 -24.68 -18.14 -26.58
C ALA L 60 -25.95 -18.52 -27.31
N ARG L 61 -26.37 -19.77 -27.18
CA ARG L 61 -27.60 -20.20 -27.85
C ARG L 61 -28.83 -19.53 -27.25
N ASP L 62 -28.85 -19.37 -25.92
CA ASP L 62 -29.99 -18.70 -25.28
C ASP L 62 -30.12 -17.25 -25.72
N ASN L 63 -29.01 -16.62 -26.11
CA ASN L 63 -29.03 -15.29 -26.70
C ASN L 63 -29.13 -15.34 -28.21
N LYS L 64 -29.41 -16.52 -28.78
CA LYS L 64 -29.52 -16.76 -30.22
C LYS L 64 -28.38 -16.12 -31.00
N LYS L 65 -27.17 -16.28 -30.49
CA LYS L 65 -25.94 -16.00 -31.21
C LYS L 65 -25.20 -17.31 -31.45
N THR L 66 -24.58 -17.44 -32.62
CA THR L 66 -23.85 -18.66 -32.96
C THR L 66 -22.34 -18.47 -32.83
N ARG L 67 -21.91 -17.70 -31.83
CA ARG L 67 -20.50 -17.43 -31.61
C ARG L 67 -20.34 -16.93 -30.18
N ILE L 68 -19.36 -17.47 -29.47
CA ILE L 68 -19.16 -17.14 -28.07
C ILE L 68 -18.37 -15.84 -27.96
N ILE L 69 -18.78 -14.97 -27.05
CA ILE L 69 -18.11 -13.70 -26.78
C ILE L 69 -17.83 -13.66 -25.28
N PRO L 70 -17.03 -12.71 -24.79
CA PRO L 70 -16.75 -12.69 -23.34
C PRO L 70 -17.99 -12.59 -22.47
N ARG L 71 -19.07 -11.99 -22.97
CA ARG L 71 -20.29 -11.91 -22.18
C ARG L 71 -20.84 -13.29 -21.88
N HIS L 72 -20.75 -14.20 -22.84
CA HIS L 72 -21.28 -15.55 -22.63
C HIS L 72 -20.41 -16.34 -21.66
N LEU L 73 -19.09 -16.17 -21.73
CA LEU L 73 -18.22 -16.78 -20.72
C LEU L 73 -18.53 -16.25 -19.33
N GLN L 74 -18.73 -14.94 -19.22
CA GLN L 74 -19.06 -14.33 -17.93
C GLN L 74 -20.37 -14.91 -17.38
N LEU L 75 -21.40 -14.99 -18.23
CA LEU L 75 -22.68 -15.52 -17.78
C LEU L 75 -22.56 -16.97 -17.36
N ALA L 76 -21.86 -17.78 -18.16
CA ALA L 76 -21.64 -19.18 -17.81
C ALA L 76 -20.96 -19.32 -16.45
N ILE L 77 -19.88 -18.59 -16.24
CA ILE L 77 -19.13 -18.72 -15.00
C ILE L 77 -19.97 -18.24 -13.81
N ARG L 78 -20.62 -17.09 -13.94
CA ARG L 78 -21.34 -16.54 -12.80
C ARG L 78 -22.65 -17.28 -12.49
N ASN L 79 -23.20 -18.01 -13.45
CA ASN L 79 -24.44 -18.72 -13.21
C ASN L 79 -24.24 -20.14 -12.69
N ASP L 80 -23.04 -20.70 -12.85
CA ASP L 80 -22.72 -22.00 -12.28
C ASP L 80 -22.16 -21.78 -10.87
N GLU L 81 -22.64 -22.56 -9.91
CA GLU L 81 -22.36 -22.30 -8.52
C GLU L 81 -20.95 -22.74 -8.11
N GLU L 82 -20.26 -23.50 -8.95
CA GLU L 82 -18.91 -23.95 -8.65
C GLU L 82 -17.84 -23.35 -9.54
N LEU L 83 -18.16 -23.08 -10.81
CA LEU L 83 -17.25 -22.28 -11.63
C LEU L 83 -17.15 -20.86 -11.10
N ASN L 84 -18.20 -20.37 -10.45
CA ASN L 84 -18.15 -19.07 -9.80
C ASN L 84 -17.37 -19.12 -8.50
N LYS L 85 -17.30 -20.28 -7.87
CA LYS L 85 -16.46 -20.45 -6.69
C LYS L 85 -14.99 -20.57 -7.08
N LEU L 86 -14.71 -21.24 -8.19
CA LEU L 86 -13.33 -21.37 -8.66
C LEU L 86 -12.80 -20.06 -9.23
N LEU L 87 -13.65 -19.28 -9.88
CA LEU L 87 -13.27 -18.05 -10.55
C LEU L 87 -13.96 -16.85 -9.91
N GLY L 88 -14.00 -16.81 -8.58
CA GLY L 88 -14.67 -15.72 -7.89
C GLY L 88 -13.83 -14.47 -7.71
N ARG L 89 -12.50 -14.61 -7.73
CA ARG L 89 -11.60 -13.47 -7.64
C ARG L 89 -11.01 -13.10 -9.00
N VAL L 90 -11.77 -13.35 -10.07
CA VAL L 90 -11.32 -13.11 -11.44
C VAL L 90 -12.30 -12.16 -12.10
N THR L 91 -11.78 -11.08 -12.67
CA THR L 91 -12.56 -10.20 -13.51
C THR L 91 -12.29 -10.52 -14.97
N ILE L 92 -13.35 -10.54 -15.77
CA ILE L 92 -13.30 -10.96 -17.17
C ILE L 92 -13.53 -9.72 -18.02
N ALA L 93 -12.57 -9.40 -18.87
CA ALA L 93 -12.66 -8.20 -19.68
C ALA L 93 -13.86 -8.25 -20.60
N GLN L 94 -14.62 -7.16 -20.62
CA GLN L 94 -15.82 -7.03 -21.46
C GLN L 94 -16.86 -8.09 -21.09
N GLY L 95 -16.95 -8.39 -19.79
CA GLY L 95 -17.84 -9.44 -19.34
C GLY L 95 -19.19 -8.95 -18.82
N GLY L 96 -19.20 -7.80 -18.17
CA GLY L 96 -20.43 -7.28 -17.62
C GLY L 96 -20.73 -7.85 -16.25
N VAL L 97 -22.00 -7.75 -15.85
CA VAL L 97 -22.46 -8.22 -14.56
C VAL L 97 -23.68 -9.09 -14.75
N LEU L 98 -23.98 -9.90 -13.74
CA LEU L 98 -25.23 -10.64 -13.71
C LEU L 98 -26.36 -9.67 -13.37
N PRO L 99 -27.40 -9.59 -14.20
CA PRO L 99 -28.49 -8.65 -13.91
C PRO L 99 -29.32 -9.06 -12.70
N ASN L 100 -29.19 -8.34 -11.60
CA ASN L 100 -30.09 -8.51 -10.47
C ASN L 100 -30.40 -7.16 -9.84
N ILE L 101 -31.67 -6.95 -9.51
CA ILE L 101 -32.14 -5.76 -8.81
C ILE L 101 -32.72 -6.23 -7.48
N GLN L 102 -32.18 -5.71 -6.38
CA GLN L 102 -32.64 -6.12 -5.07
C GLN L 102 -34.13 -5.82 -4.93
N ALA L 103 -34.86 -6.77 -4.32
CA ALA L 103 -36.31 -6.69 -4.28
C ALA L 103 -36.82 -5.45 -3.56
N VAL L 104 -36.00 -4.83 -2.73
CA VAL L 104 -36.43 -3.63 -2.01
C VAL L 104 -36.63 -2.47 -2.98
N LEU L 105 -35.80 -2.40 -4.02
CA LEU L 105 -35.80 -1.26 -4.93
C LEU L 105 -36.89 -1.32 -5.99
N LEU L 106 -37.59 -2.45 -6.13
CA LEU L 106 -38.63 -2.57 -7.13
C LEU L 106 -39.85 -1.76 -6.73
N PRO L 107 -40.68 -1.35 -7.69
CA PRO L 107 -41.88 -0.59 -7.36
C PRO L 107 -42.88 -1.41 -6.56
N LYS L 108 -43.64 -0.71 -5.73
CA LYS L 108 -44.62 -1.35 -4.85
C LYS L 108 -45.87 -1.75 -5.63
#